data_7DN7
#
_entry.id   7DN7
#
_cell.length_a   53.920
_cell.length_b   79.498
_cell.length_c   77.723
_cell.angle_alpha   90.000
_cell.angle_beta   102.250
_cell.angle_gamma   90.000
#
_symmetry.space_group_name_H-M   'P 1 21 1'
#
loop_
_entity.id
_entity.type
_entity.pdbx_description
1 polymer Lactoperoxidase
2 branched 2-acetamido-2-deoxy-beta-D-glucopyranose-(1-4)-2-acetamido-2-deoxy-beta-D-glucopyranose
3 non-polymer 'PROTOPORPHYRIN IX CONTAINING FE'
4 non-polymer 'CALCIUM ION'
5 non-polymer 2-acetamido-2-deoxy-beta-D-glucopyranose
6 non-polymer 'IODIDE ION'
7 non-polymer 1,2-ETHANEDIOL
8 non-polymer 'ZINC ION'
9 non-polymer 1-(OXIDOSULFANYL)METHANAMINE
10 non-polymer 'HYDROGEN PEROXIDE'
11 water water
#
_entity_poly.entity_id   1
_entity_poly.type   'polypeptide(L)'
_entity_poly.pdbx_seq_one_letter_code
;SWEVGCGAPVPLVKCDENSPYRTITGDCNNRRSPALGAANRALARWLPAEYEDGLALPFGWTQRKTRNGFRVPLAREVSN
KIVGYLDEEGVLDQNRSLLFMQWGQIVDHDLDFAPETELGSNEHSKTQCEEYCIQGDNCFPIMFPKNDPKLKTQGKCMPF
FRAGFVCPTPPYQSLAREQINAVTSFLDASLVYGSEPSLASRLRNLSSPLGLMAVNQEAWDHGLAYLPFNNKKPSPCEFI
NTTARVPCFLAGDFRASEQILLATAHTLLLREHNRLARELKKLNPHWNGEKLYQEARKILGAFIQIITFRDYLPIVLGSE
MQKWIPPYQGYNNSVDPRISNVFTFAFRFGHMEVPSTVSRLDENYQPWGPEAELPLHTLFFNTWRIIKDGGIDPLVRGLL
AKKSKLMNQDKMVTSELRNKLFQPTHKIHGFDLAAINLQRCRDHGMPGYNSWRGFCGLSQPKTLKGLQTVLKNKILAKKL
MDLYKTPDNIDIWIGGNAEPMVERGRVGPLLACLLGRQFQQIRDGDRFWWENPGVFTEKQRDSLQKVSFSRLICDNTHIT
KVPLHAFQANNYPHDFVDCSTVDKLDLSPWASREN
;
_entity_poly.pdbx_strand_id   A
#
loop_
_chem_comp.id
_chem_comp.type
_chem_comp.name
_chem_comp.formula
CA non-polymer 'CALCIUM ION' 'Ca 2'
EDO non-polymer 1,2-ETHANEDIOL 'C2 H6 O2'
HEM non-polymer 'PROTOPORPHYRIN IX CONTAINING FE' 'C34 H32 Fe N4 O4'
IOD non-polymer 'IODIDE ION' 'I -1'
NAG D-saccharide, beta linking 2-acetamido-2-deoxy-beta-D-glucopyranose 'C8 H15 N O6'
OSM non-polymer 1-(OXIDOSULFANYL)METHANAMINE 'C H5 N O S'
PEO non-polymer 'HYDROGEN PEROXIDE' 'H2 O2'
ZN non-polymer 'ZINC ION' 'Zn 2'
#
# COMPACT_ATOMS: atom_id res chain seq x y z
N SER A 1 18.07 -31.78 -9.21
CA SER A 1 17.27 -30.53 -8.97
C SER A 1 17.80 -29.38 -9.84
N TRP A 2 17.15 -28.22 -9.75
CA TRP A 2 17.52 -26.95 -10.45
C TRP A 2 17.97 -25.93 -9.39
N GLU A 3 18.03 -24.63 -9.72
CA GLU A 3 18.52 -23.57 -8.80
C GLU A 3 17.69 -23.59 -7.50
N VAL A 4 18.34 -23.96 -6.39
CA VAL A 4 17.77 -24.05 -5.01
C VAL A 4 17.73 -22.65 -4.39
N GLY A 5 18.56 -21.71 -4.85
CA GLY A 5 18.56 -20.32 -4.38
C GLY A 5 19.33 -19.46 -5.38
N CYS A 6 18.61 -18.72 -6.25
CA CYS A 6 19.15 -17.67 -7.15
C CYS A 6 19.20 -16.33 -6.40
N GLY A 7 20.16 -16.18 -5.47
CA GLY A 7 20.37 -14.97 -4.65
C GLY A 7 21.71 -14.30 -4.92
N ALA A 8 22.05 -14.06 -6.20
CA ALA A 8 23.31 -13.42 -6.65
C ALA A 8 23.25 -11.92 -6.36
N PRO A 9 22.13 -11.21 -6.68
CA PRO A 9 21.89 -9.86 -6.13
C PRO A 9 21.78 -9.86 -4.59
N VAL A 10 22.33 -8.82 -3.95
CA VAL A 10 22.37 -8.61 -2.48
C VAL A 10 22.80 -9.88 -1.73
N PRO A 11 24.05 -10.36 -1.93
CA PRO A 11 24.53 -11.55 -1.23
C PRO A 11 25.05 -11.26 0.20
N LEU A 12 25.10 -9.97 0.60
CA LEU A 12 25.64 -9.49 1.89
C LEU A 12 24.72 -9.92 3.05
N VAL A 13 25.05 -11.04 3.69
CA VAL A 13 24.40 -11.56 4.93
C VAL A 13 25.39 -11.41 6.09
N LYS A 14 25.41 -10.23 6.74
CA LYS A 14 26.29 -9.93 7.90
C LYS A 14 25.39 -9.62 9.11
N CYS A 15 25.05 -10.64 9.91
CA CYS A 15 24.02 -10.58 10.99
C CYS A 15 24.66 -10.53 12.38
N ASP A 16 24.25 -9.58 13.21
CA ASP A 16 24.52 -9.53 14.68
C ASP A 16 23.34 -10.15 15.43
N GLU A 17 23.55 -11.34 16.00
CA GLU A 17 22.52 -12.20 16.64
C GLU A 17 22.01 -11.55 17.93
N ASN A 18 22.78 -10.63 18.52
CA ASN A 18 22.50 -10.00 19.84
C ASN A 18 21.62 -8.75 19.67
N SER A 19 21.77 -8.03 18.54
CA SER A 19 21.09 -6.73 18.26
C SER A 19 19.64 -6.76 18.73
N PRO A 20 19.20 -5.79 19.56
CA PRO A 20 17.79 -5.71 19.95
C PRO A 20 16.94 -5.01 18.89
N TYR A 21 17.57 -4.59 17.78
CA TYR A 21 16.90 -3.83 16.69
C TYR A 21 16.86 -4.59 15.35
N ARG A 22 15.84 -4.25 14.58
CA ARG A 22 15.71 -4.73 13.19
C ARG A 22 16.85 -4.15 12.36
N THR A 23 17.28 -4.89 11.34
CA THR A 23 18.05 -4.27 10.25
C THR A 23 17.07 -3.39 9.43
N ILE A 24 17.61 -2.46 8.67
CA ILE A 24 16.84 -1.67 7.68
C ILE A 24 16.38 -2.59 6.53
N THR A 25 17.18 -3.57 6.13
CA THR A 25 16.85 -4.43 4.95
C THR A 25 15.86 -5.53 5.28
N GLY A 26 15.69 -5.88 6.56
CA GLY A 26 14.89 -7.04 6.97
C GLY A 26 15.71 -8.30 7.03
N ASP A 27 16.96 -8.26 6.52
CA ASP A 27 17.85 -9.42 6.75
C ASP A 27 17.99 -9.66 8.25
N CYS A 28 18.21 -10.92 8.64
CA CYS A 28 18.66 -11.35 9.99
C CYS A 28 17.47 -11.49 10.92
N ASN A 29 16.24 -11.30 10.44
CA ASN A 29 15.06 -11.50 11.29
C ASN A 29 14.97 -12.98 11.64
N ASN A 30 14.92 -13.82 10.62
CA ASN A 30 14.86 -15.29 10.81
C ASN A 30 16.30 -15.81 10.93
N ARG A 31 16.63 -16.46 12.03
CA ARG A 31 18.05 -16.82 12.30
C ARG A 31 18.50 -17.96 11.39
N ARG A 32 17.65 -18.93 11.09
CA ARG A 32 18.01 -20.11 10.26
C ARG A 32 18.07 -19.74 8.77
N SER A 33 17.23 -18.80 8.33
CA SER A 33 17.22 -18.35 6.92
C SER A 33 17.16 -16.82 6.90
N PRO A 34 18.32 -16.17 7.13
CA PRO A 34 18.36 -14.73 7.37
C PRO A 34 17.86 -13.82 6.23
N ALA A 35 17.68 -14.32 5.02
CA ALA A 35 17.17 -13.46 3.92
C ALA A 35 15.65 -13.44 3.96
N LEU A 36 15.01 -14.29 4.77
CA LEU A 36 13.52 -14.39 4.74
C LEU A 36 12.89 -13.07 5.21
N GLY A 37 12.10 -12.48 4.32
CA GLY A 37 11.37 -11.22 4.53
C GLY A 37 12.24 -10.00 4.21
N ALA A 38 13.50 -10.18 3.86
CA ALA A 38 14.37 -9.07 3.44
C ALA A 38 13.85 -8.46 2.15
N ALA A 39 14.12 -7.19 2.00
CA ALA A 39 13.84 -6.41 0.77
C ALA A 39 14.76 -6.86 -0.37
N ASN A 40 14.30 -6.60 -1.58
CA ASN A 40 15.03 -6.80 -2.85
C ASN A 40 15.29 -8.29 -3.09
N ARG A 41 14.34 -9.14 -2.70
CA ARG A 41 14.28 -10.58 -3.04
C ARG A 41 12.93 -10.88 -3.74
N ALA A 42 12.79 -12.09 -4.24
CA ALA A 42 11.56 -12.47 -4.96
C ALA A 42 10.39 -12.42 -3.99
N LEU A 43 9.26 -11.97 -4.48
CA LEU A 43 7.96 -12.27 -3.84
C LEU A 43 7.84 -13.78 -3.70
N ALA A 44 7.23 -14.25 -2.64
CA ALA A 44 6.89 -15.68 -2.42
C ALA A 44 5.83 -16.12 -3.42
N ARG A 45 5.91 -17.37 -3.88
CA ARG A 45 4.85 -18.01 -4.70
C ARG A 45 4.12 -19.02 -3.84
N TRP A 46 2.90 -18.71 -3.44
CA TRP A 46 2.01 -19.68 -2.81
C TRP A 46 1.52 -20.75 -3.81
N LEU A 47 1.37 -20.38 -5.08
CA LEU A 47 1.10 -21.33 -6.19
C LEU A 47 2.07 -21.02 -7.32
N PRO A 48 2.35 -22.00 -8.20
CA PRO A 48 3.29 -21.74 -9.30
C PRO A 48 2.78 -20.68 -10.28
N ALA A 49 3.69 -19.86 -10.77
CA ALA A 49 3.40 -18.83 -11.79
C ALA A 49 2.68 -19.46 -12.96
N GLU A 50 1.78 -18.71 -13.61
CA GLU A 50 1.06 -19.11 -14.83
C GLU A 50 1.31 -18.10 -15.93
N TYR A 51 2.25 -18.46 -16.80
CA TYR A 51 2.61 -17.67 -17.99
C TYR A 51 2.13 -18.40 -19.26
N GLU A 52 1.85 -17.64 -20.31
CA GLU A 52 1.52 -18.15 -21.66
C GLU A 52 2.54 -19.23 -22.07
N ASP A 53 3.83 -19.01 -21.80
CA ASP A 53 4.93 -19.86 -22.33
C ASP A 53 5.51 -20.70 -21.18
N GLY A 54 4.83 -20.77 -20.04
CA GLY A 54 5.31 -21.48 -18.84
C GLY A 54 6.36 -20.72 -18.03
N LEU A 55 7.06 -19.74 -18.60
CA LEU A 55 8.31 -19.16 -18.06
C LEU A 55 7.94 -17.71 -17.74
N ALA A 56 7.84 -16.84 -18.76
CA ALA A 56 7.79 -15.38 -18.46
C ALA A 56 6.74 -14.58 -19.22
N LEU A 57 6.13 -15.09 -20.31
CA LEU A 57 5.25 -14.23 -21.15
C LEU A 57 3.86 -14.20 -20.56
N PRO A 58 3.26 -13.02 -20.38
CA PRO A 58 1.94 -12.97 -19.76
C PRO A 58 0.88 -13.56 -20.69
N PHE A 59 -0.15 -14.11 -20.09
CA PHE A 59 -1.44 -14.32 -20.78
C PHE A 59 -1.86 -12.97 -21.38
N GLY A 60 -2.27 -13.03 -22.63
CA GLY A 60 -2.65 -11.87 -23.45
C GLY A 60 -1.50 -11.34 -24.28
N TRP A 61 -0.28 -11.85 -24.11
CA TRP A 61 0.92 -11.40 -24.88
C TRP A 61 0.78 -11.75 -26.36
N THR A 62 0.55 -13.02 -26.63
CA THR A 62 0.47 -13.53 -28.03
C THR A 62 -1.01 -13.63 -28.38
N GLN A 63 -1.44 -12.91 -29.42
CA GLN A 63 -2.87 -12.78 -29.81
C GLN A 63 -3.49 -14.19 -30.00
N ARG A 64 -2.76 -15.09 -30.65
CA ARG A 64 -3.29 -16.43 -31.03
C ARG A 64 -3.31 -17.37 -29.82
N LYS A 65 -2.55 -17.10 -28.74
CA LYS A 65 -2.42 -18.05 -27.61
C LYS A 65 -3.55 -17.83 -26.60
N THR A 66 -4.40 -18.82 -26.47
CA THR A 66 -5.53 -18.78 -25.53
C THR A 66 -5.10 -19.12 -24.11
N ARG A 67 -5.97 -18.79 -23.18
CA ARG A 67 -5.93 -19.35 -21.83
C ARG A 67 -7.08 -20.33 -21.73
N ASN A 68 -6.78 -21.63 -21.58
CA ASN A 68 -7.88 -22.63 -21.46
C ASN A 68 -8.88 -22.57 -22.64
N GLY A 69 -8.36 -22.25 -23.80
CA GLY A 69 -9.14 -22.28 -25.06
C GLY A 69 -9.86 -20.99 -25.36
N PHE A 70 -9.74 -19.96 -24.50
CA PHE A 70 -10.37 -18.65 -24.79
C PHE A 70 -9.32 -17.53 -24.77
N ARG A 71 -9.47 -16.54 -25.64
CA ARG A 71 -8.62 -15.34 -25.64
C ARG A 71 -8.91 -14.57 -24.34
N VAL A 72 -7.88 -14.07 -23.68
CA VAL A 72 -8.09 -13.24 -22.48
C VAL A 72 -8.52 -11.86 -22.99
N PRO A 73 -9.49 -11.22 -22.30
CA PRO A 73 -9.98 -9.93 -22.75
C PRO A 73 -9.03 -8.78 -22.42
N LEU A 74 -9.10 -7.71 -23.19
CA LEU A 74 -8.27 -6.50 -22.94
C LEU A 74 -8.57 -5.96 -21.55
N ALA A 75 -7.53 -5.66 -20.80
CA ALA A 75 -7.67 -5.14 -19.42
C ALA A 75 -8.55 -3.89 -19.44
N ARG A 76 -8.35 -3.03 -20.42
CA ARG A 76 -9.14 -1.78 -20.49
C ARG A 76 -10.61 -2.09 -20.83
N GLU A 77 -10.88 -3.16 -21.60
CA GLU A 77 -12.28 -3.52 -21.93
C GLU A 77 -12.97 -4.00 -20.68
N VAL A 78 -12.30 -4.82 -19.88
CA VAL A 78 -12.84 -5.26 -18.55
C VAL A 78 -13.11 -4.02 -17.68
N SER A 79 -12.17 -3.13 -17.64
CA SER A 79 -12.27 -1.90 -16.85
C SER A 79 -13.54 -1.13 -17.27
N ASN A 80 -13.70 -0.93 -18.56
CA ASN A 80 -14.82 -0.13 -19.08
C ASN A 80 -16.13 -0.84 -18.73
N LYS A 81 -16.23 -2.13 -18.99
CA LYS A 81 -17.55 -2.82 -19.00
C LYS A 81 -17.98 -3.21 -17.61
N ILE A 82 -17.04 -3.33 -16.65
CA ILE A 82 -17.34 -3.90 -15.32
C ILE A 82 -17.01 -2.93 -14.20
N VAL A 83 -15.86 -2.28 -14.29
CA VAL A 83 -15.26 -1.53 -13.15
C VAL A 83 -15.78 -0.10 -13.09
N GLY A 84 -16.21 0.45 -14.23
CA GLY A 84 -16.58 1.86 -14.33
C GLY A 84 -18.00 2.16 -13.89
N TYR A 85 -18.24 3.39 -13.44
CA TYR A 85 -19.58 3.93 -13.13
C TYR A 85 -19.54 5.47 -13.27
N LEU A 86 -20.71 6.09 -13.40
CA LEU A 86 -20.88 7.56 -13.61
C LEU A 86 -21.25 8.27 -12.31
N ASP A 87 -22.19 7.67 -11.56
CA ASP A 87 -22.95 8.32 -10.47
C ASP A 87 -22.23 8.08 -9.12
N GLU A 88 -21.62 9.12 -8.56
CA GLU A 88 -20.91 9.09 -7.23
C GLU A 88 -21.93 9.22 -6.09
N GLU A 89 -23.17 9.56 -6.37
CA GLU A 89 -24.21 9.68 -5.30
C GLU A 89 -24.42 8.30 -4.71
N GLY A 90 -24.42 8.20 -3.39
CA GLY A 90 -24.79 7.00 -2.63
C GLY A 90 -23.66 6.00 -2.51
N VAL A 91 -22.45 6.37 -3.02
CA VAL A 91 -21.37 5.36 -3.10
C VAL A 91 -20.53 5.38 -1.81
N LEU A 92 -20.74 6.28 -0.83
CA LEU A 92 -19.86 6.29 0.35
C LEU A 92 -20.22 5.20 1.38
N ASP A 93 -19.20 4.82 2.13
CA ASP A 93 -19.27 3.83 3.22
C ASP A 93 -19.83 4.54 4.44
N GLN A 94 -21.04 4.19 4.86
CA GLN A 94 -21.69 4.85 6.01
C GLN A 94 -20.99 4.46 7.31
N ASN A 95 -20.08 3.48 7.34
CA ASN A 95 -19.43 3.09 8.60
C ASN A 95 -17.92 2.94 8.46
N ARG A 96 -17.30 3.68 7.55
CA ARG A 96 -15.82 3.76 7.53
C ARG A 96 -15.41 5.19 7.15
N SER A 97 -14.56 5.80 7.96
CA SER A 97 -13.97 7.14 7.68
C SER A 97 -12.98 6.96 6.54
N LEU A 98 -12.62 8.08 5.95
CA LEU A 98 -11.62 8.10 4.87
C LEU A 98 -10.26 7.60 5.40
N LEU A 99 -9.97 7.74 6.71
CA LEU A 99 -8.73 7.19 7.27
C LEU A 99 -8.65 5.68 7.04
N PHE A 100 -9.76 4.97 7.01
CA PHE A 100 -9.81 3.50 6.80
C PHE A 100 -9.12 3.15 5.45
N MET A 101 -9.53 3.81 4.37
CA MET A 101 -8.84 3.68 3.05
C MET A 101 -7.36 4.04 3.24
N GLN A 102 -7.08 5.19 3.85
CA GLN A 102 -5.69 5.71 3.84
C GLN A 102 -4.77 4.79 4.66
N TRP A 103 -5.23 4.22 5.78
CA TRP A 103 -4.35 3.29 6.53
C TRP A 103 -4.06 2.04 5.68
N GLY A 104 -5.02 1.60 4.90
CA GLY A 104 -4.78 0.43 4.05
C GLY A 104 -3.58 0.72 3.17
N GLN A 105 -3.58 1.85 2.52
CA GLN A 105 -2.47 2.20 1.57
C GLN A 105 -1.14 2.26 2.31
N ILE A 106 -1.13 2.85 3.49
CA ILE A 106 0.08 2.92 4.39
C ILE A 106 0.58 1.51 4.70
N VAL A 107 -0.29 0.61 5.12
CA VAL A 107 0.15 -0.75 5.50
C VAL A 107 0.71 -1.44 4.25
N ASP A 108 -0.02 -1.31 3.12
CA ASP A 108 0.38 -1.97 1.86
C ASP A 108 1.78 -1.46 1.46
N HIS A 109 2.04 -0.19 1.63
CA HIS A 109 3.37 0.38 1.22
C HIS A 109 4.48 -0.08 2.19
N ASP A 110 4.15 -0.36 3.43
CA ASP A 110 5.14 -0.96 4.39
C ASP A 110 5.55 -2.34 3.89
N LEU A 111 4.63 -3.09 3.30
CA LEU A 111 4.79 -4.55 3.04
C LEU A 111 5.32 -4.87 1.66
N ASP A 112 4.94 -4.15 0.60
CA ASP A 112 5.29 -4.60 -0.76
C ASP A 112 5.40 -3.45 -1.75
N PHE A 113 6.35 -3.64 -2.66
CA PHE A 113 6.61 -2.71 -3.79
C PHE A 113 7.33 -3.52 -4.87
N ALA A 114 6.70 -3.71 -6.01
CA ALA A 114 7.27 -4.38 -7.20
C ALA A 114 7.51 -3.31 -8.26
N PRO A 115 8.64 -2.55 -8.21
CA PRO A 115 8.88 -1.47 -9.17
C PRO A 115 9.08 -1.98 -10.61
N GLU A 116 8.56 -1.21 -11.58
CA GLU A 116 8.81 -1.39 -13.04
C GLU A 116 10.31 -1.57 -13.23
N THR A 117 10.71 -2.48 -14.13
CA THR A 117 12.11 -2.76 -14.54
C THR A 117 12.84 -1.47 -14.91
N GLU A 118 14.15 -1.39 -14.69
CA GLU A 118 14.99 -0.23 -15.12
C GLU A 118 15.70 -0.54 -16.44
N LEU A 119 14.99 -0.42 -17.57
CA LEU A 119 15.54 -0.47 -18.96
C LEU A 119 15.16 0.82 -19.71
N GLY A 120 14.64 1.82 -18.99
CA GLY A 120 14.17 3.10 -19.56
C GLY A 120 15.18 4.22 -19.37
N SER A 121 16.34 3.91 -18.78
CA SER A 121 17.47 4.84 -18.53
C SER A 121 18.18 5.19 -19.84
N ASN A 122 17.90 6.39 -20.37
CA ASN A 122 18.38 6.88 -21.70
C ASN A 122 17.92 5.91 -22.79
N GLU A 123 16.63 5.58 -22.82
CA GLU A 123 16.04 4.60 -23.77
C GLU A 123 14.79 5.18 -24.43
N HIS A 124 14.59 4.83 -25.71
CA HIS A 124 13.46 5.27 -26.56
C HIS A 124 12.15 4.67 -26.03
N SER A 125 12.12 3.37 -25.74
CA SER A 125 10.89 2.61 -25.34
C SER A 125 10.33 3.15 -24.02
N LYS A 126 11.04 4.04 -23.34
CA LYS A 126 10.47 4.91 -22.28
C LYS A 126 9.31 5.72 -22.91
N THR A 127 9.60 6.50 -23.96
CA THR A 127 8.61 7.33 -24.71
C THR A 127 8.14 6.60 -25.97
N GLN A 128 8.92 5.67 -26.54
CA GLN A 128 8.53 4.88 -27.75
C GLN A 128 7.36 3.93 -27.43
N CYS A 129 7.39 3.22 -26.30
CA CYS A 129 6.26 2.40 -25.76
C CYS A 129 5.01 3.27 -25.73
N GLU A 130 5.16 4.49 -25.20
CA GLU A 130 4.07 5.50 -25.10
C GLU A 130 3.69 5.97 -26.51
N GLU A 131 4.69 6.27 -27.35
CA GLU A 131 4.48 6.94 -28.65
C GLU A 131 3.88 5.93 -29.64
N TYR A 132 4.49 4.76 -29.80
CA TYR A 132 4.13 3.84 -30.91
C TYR A 132 3.33 2.62 -30.42
N CYS A 133 3.19 2.41 -29.11
CA CYS A 133 2.36 1.33 -28.52
C CYS A 133 2.80 -0.03 -29.08
N ILE A 134 4.11 -0.26 -29.24
CA ILE A 134 4.62 -1.52 -29.84
C ILE A 134 5.08 -2.44 -28.70
N GLN A 135 4.39 -3.55 -28.56
CA GLN A 135 4.71 -4.54 -27.52
C GLN A 135 6.12 -5.12 -27.76
N GLY A 136 6.91 -5.22 -26.72
CA GLY A 136 8.11 -6.07 -26.76
C GLY A 136 9.00 -5.83 -25.58
N ASP A 137 9.71 -6.88 -25.16
CA ASP A 137 10.62 -6.88 -24.00
C ASP A 137 9.82 -6.36 -22.79
N ASN A 138 10.16 -5.20 -22.23
CA ASN A 138 9.45 -4.72 -21.00
C ASN A 138 8.26 -3.83 -21.34
N CYS A 139 8.03 -3.51 -22.61
CA CYS A 139 6.84 -2.74 -23.06
C CYS A 139 5.66 -3.70 -23.27
N PHE A 140 4.63 -3.58 -22.44
CA PHE A 140 3.42 -4.42 -22.51
C PHE A 140 2.22 -3.50 -22.49
N PRO A 141 1.99 -2.76 -23.60
CA PRO A 141 1.03 -1.65 -23.60
C PRO A 141 -0.39 -2.16 -23.31
N ILE A 142 -1.14 -1.32 -22.64
CA ILE A 142 -2.60 -1.57 -22.44
C ILE A 142 -3.32 -0.97 -23.64
N MET A 143 -3.73 -1.83 -24.53
CA MET A 143 -4.33 -1.39 -25.80
C MET A 143 -5.81 -1.01 -25.52
N PHE A 144 -6.31 0.02 -26.19
CA PHE A 144 -7.72 0.41 -26.08
C PHE A 144 -8.56 -0.47 -26.96
N PRO A 145 -9.74 -0.91 -26.48
CA PRO A 145 -10.69 -1.54 -27.38
C PRO A 145 -11.35 -0.51 -28.33
N LYS A 146 -11.97 -1.01 -29.40
CA LYS A 146 -12.52 -0.17 -30.52
C LYS A 146 -13.45 0.95 -30.00
N ASN A 147 -14.39 0.67 -29.11
CA ASN A 147 -15.38 1.71 -28.74
C ASN A 147 -14.87 2.66 -27.62
N ASP A 148 -13.60 2.56 -27.20
CA ASP A 148 -13.10 3.33 -26.03
C ASP A 148 -13.04 4.81 -26.38
N PRO A 149 -13.63 5.71 -25.58
CA PRO A 149 -13.46 7.15 -25.80
C PRO A 149 -11.98 7.58 -25.83
N LYS A 150 -11.11 6.89 -25.09
CA LYS A 150 -9.70 7.25 -25.07
C LYS A 150 -9.03 7.00 -26.43
N LEU A 151 -9.54 6.08 -27.21
CA LEU A 151 -9.01 5.84 -28.57
C LEU A 151 -9.15 7.14 -29.38
N LYS A 152 -10.14 7.95 -29.04
CA LYS A 152 -10.49 9.19 -29.76
C LYS A 152 -9.61 10.35 -29.29
N THR A 153 -9.20 10.38 -28.03
CA THR A 153 -8.51 11.55 -27.44
C THR A 153 -7.04 11.30 -27.07
N GLN A 154 -6.63 10.03 -26.89
CA GLN A 154 -5.36 9.62 -26.25
C GLN A 154 -4.52 8.66 -27.07
N GLY A 155 -4.87 8.33 -28.31
CA GLY A 155 -4.07 7.40 -29.12
C GLY A 155 -4.48 5.95 -28.89
N LYS A 156 -3.59 4.98 -29.15
CA LYS A 156 -4.01 3.58 -29.31
C LYS A 156 -3.88 2.80 -28.00
N CYS A 157 -3.13 3.35 -27.04
CA CYS A 157 -2.77 2.57 -25.82
C CYS A 157 -2.42 3.47 -24.67
N MET A 158 -2.41 2.89 -23.47
CA MET A 158 -1.72 3.44 -22.29
C MET A 158 -0.43 2.67 -22.12
N PRO A 159 0.71 3.34 -21.94
CA PRO A 159 1.98 2.67 -21.73
C PRO A 159 1.94 1.88 -20.42
N PHE A 160 2.64 0.77 -20.44
CA PHE A 160 2.76 -0.16 -19.30
C PHE A 160 4.07 -0.91 -19.44
N PHE A 161 4.88 -0.89 -18.39
CA PHE A 161 6.21 -1.53 -18.34
C PHE A 161 6.18 -2.67 -17.33
N ARG A 162 6.70 -3.81 -17.74
CA ARG A 162 6.71 -5.04 -16.95
C ARG A 162 7.50 -4.83 -15.65
N ALA A 163 7.03 -5.45 -14.58
CA ALA A 163 7.65 -5.35 -13.25
C ALA A 163 9.05 -5.98 -13.27
N GLY A 164 9.94 -5.43 -12.43
CA GLY A 164 11.28 -5.98 -12.15
C GLY A 164 11.25 -7.40 -11.61
N PHE A 165 12.24 -8.20 -11.97
CA PHE A 165 12.33 -9.63 -11.57
C PHE A 165 13.78 -10.00 -11.19
N VAL A 166 13.91 -11.09 -10.43
CA VAL A 166 15.15 -11.47 -9.69
C VAL A 166 16.02 -12.29 -10.65
N CYS A 167 17.35 -12.19 -10.47
CA CYS A 167 18.49 -12.75 -11.29
C CYS A 167 18.76 -11.81 -12.48
N PRO A 168 19.12 -10.54 -12.19
CA PRO A 168 18.75 -9.34 -12.95
C PRO A 168 17.86 -9.42 -14.20
N THR A 169 17.47 -8.24 -14.68
CA THR A 169 16.25 -8.00 -15.49
C THR A 169 16.32 -8.19 -17.00
N PRO A 170 17.28 -7.62 -17.77
CA PRO A 170 17.26 -7.82 -19.22
C PRO A 170 17.47 -9.24 -19.78
N PRO A 171 18.25 -10.15 -19.14
CA PRO A 171 18.37 -11.54 -19.60
C PRO A 171 17.45 -12.55 -18.87
N TYR A 172 17.57 -13.84 -19.22
CA TYR A 172 16.72 -14.96 -18.71
C TYR A 172 17.12 -15.30 -17.26
N GLN A 173 16.56 -16.39 -16.69
CA GLN A 173 16.79 -16.85 -15.30
C GLN A 173 16.43 -18.33 -15.14
N SER A 174 16.28 -18.82 -13.90
CA SER A 174 16.11 -20.26 -13.51
C SER A 174 14.63 -20.68 -13.43
N LEU A 175 14.08 -21.14 -14.56
CA LEU A 175 12.63 -21.40 -14.79
C LEU A 175 11.85 -20.09 -14.61
N ALA A 176 10.80 -20.05 -13.78
CA ALA A 176 9.71 -19.05 -14.04
C ALA A 176 10.12 -17.68 -13.51
N ARG A 177 9.65 -16.61 -14.14
CA ARG A 177 10.00 -15.24 -13.76
C ARG A 177 9.40 -14.92 -12.39
N GLU A 178 10.22 -14.38 -11.49
CA GLU A 178 9.82 -14.09 -10.12
C GLU A 178 10.01 -12.58 -9.89
N GLN A 179 8.93 -11.83 -9.66
CA GLN A 179 8.96 -10.37 -9.42
C GLN A 179 9.58 -10.09 -8.04
N ILE A 180 10.13 -8.90 -7.88
CA ILE A 180 10.87 -8.49 -6.68
C ILE A 180 9.92 -7.74 -5.74
N ASN A 181 10.14 -7.97 -4.46
CA ASN A 181 9.60 -7.06 -3.43
C ASN A 181 10.75 -6.19 -2.93
N ALA A 182 10.68 -4.89 -3.28
CA ALA A 182 11.72 -3.86 -3.01
C ALA A 182 11.64 -3.38 -1.56
N VAL A 183 10.61 -3.78 -0.80
CA VAL A 183 10.55 -3.31 0.62
C VAL A 183 10.52 -4.51 1.58
N THR A 184 10.71 -4.26 2.87
CA THR A 184 10.73 -5.35 3.84
C THR A 184 9.33 -5.92 4.07
N SER A 185 9.24 -7.25 4.13
CA SER A 185 7.95 -8.00 4.30
C SER A 185 7.41 -7.79 5.70
N PHE A 186 8.25 -7.47 6.69
CA PHE A 186 7.84 -7.21 8.07
C PHE A 186 7.06 -5.91 8.10
N LEU A 187 6.05 -5.88 8.94
CA LEU A 187 5.29 -4.65 9.25
C LEU A 187 6.13 -3.85 10.28
N ASP A 188 6.98 -2.97 9.76
CA ASP A 188 8.19 -2.49 10.47
C ASP A 188 8.44 -1.00 10.25
N ALA A 189 7.48 -0.24 9.69
CA ALA A 189 7.63 1.18 9.39
C ALA A 189 8.77 1.37 8.39
N SER A 190 9.02 0.41 7.49
CA SER A 190 10.01 0.60 6.40
C SER A 190 9.52 1.74 5.49
N LEU A 191 8.22 2.09 5.49
CA LEU A 191 7.79 3.23 4.65
C LEU A 191 8.23 4.58 5.23
N VAL A 192 8.65 4.62 6.50
CA VAL A 192 9.14 5.85 7.15
C VAL A 192 10.69 5.85 7.09
N TYR A 193 11.29 4.70 7.30
CA TYR A 193 12.76 4.60 7.56
C TYR A 193 13.51 4.18 6.31
N GLY A 194 12.85 3.63 5.29
CA GLY A 194 13.53 3.08 4.10
C GLY A 194 13.80 1.60 4.27
N SER A 195 14.01 0.88 3.17
CA SER A 195 14.35 -0.56 3.17
C SER A 195 15.80 -0.81 2.68
N GLU A 196 16.51 0.27 2.36
CA GLU A 196 17.91 0.25 1.83
C GLU A 196 18.75 1.16 2.71
N PRO A 197 19.98 0.76 3.09
CA PRO A 197 20.88 1.60 3.91
C PRO A 197 21.15 3.02 3.41
N SER A 198 21.35 3.22 2.11
CA SER A 198 21.60 4.56 1.50
C SER A 198 20.43 5.48 1.81
N LEU A 199 19.22 5.05 1.49
CA LEU A 199 18.05 5.93 1.67
C LEU A 199 17.89 6.16 3.16
N ALA A 200 18.07 5.12 3.97
CA ALA A 200 17.76 5.18 5.41
C ALA A 200 18.65 6.23 6.05
N SER A 201 19.88 6.35 5.57
CA SER A 201 20.85 7.31 6.11
C SER A 201 20.51 8.73 5.64
N ARG A 202 20.23 8.91 4.34
CA ARG A 202 19.76 10.18 3.74
C ARG A 202 18.58 10.75 4.54
N LEU A 203 17.67 9.92 5.09
CA LEU A 203 16.44 10.42 5.76
C LEU A 203 16.78 10.91 7.16
N ARG A 204 17.95 10.57 7.68
CA ARG A 204 18.25 10.87 9.10
C ARG A 204 18.95 12.22 9.19
N ASN A 205 18.76 12.84 10.33
CA ASN A 205 19.52 14.04 10.80
C ASN A 205 20.72 13.56 11.60
N LEU A 206 21.85 13.41 10.90
CA LEU A 206 23.14 12.98 11.52
C LEU A 206 23.96 14.20 11.97
N SER A 207 23.46 15.43 11.81
CA SER A 207 24.07 16.68 12.33
C SER A 207 23.99 16.69 13.85
N SER A 208 22.80 16.66 14.42
CA SER A 208 22.56 16.58 15.88
C SER A 208 22.64 15.13 16.35
N PRO A 209 22.98 14.89 17.63
CA PRO A 209 23.05 13.54 18.18
C PRO A 209 21.73 13.16 18.85
N LEU A 210 20.59 13.46 18.22
CA LEU A 210 19.26 13.46 18.88
C LEU A 210 18.39 12.35 18.27
N GLY A 211 18.91 11.60 17.31
CA GLY A 211 18.22 10.46 16.68
C GLY A 211 17.02 10.93 15.85
N LEU A 212 17.07 12.15 15.33
CA LEU A 212 15.95 12.74 14.55
C LEU A 212 16.04 12.33 13.09
N MET A 213 14.87 12.34 12.45
CA MET A 213 14.73 12.28 11.00
C MET A 213 14.88 13.72 10.48
N ALA A 214 15.51 13.88 9.32
CA ALA A 214 15.66 15.17 8.61
C ALA A 214 14.29 15.76 8.33
N VAL A 215 14.13 17.06 8.47
CA VAL A 215 12.83 17.73 8.18
C VAL A 215 13.07 18.81 7.15
N ASN A 216 11.99 19.25 6.53
CA ASN A 216 12.08 20.31 5.49
C ASN A 216 12.72 21.57 6.12
N GLN A 217 13.68 22.19 5.44
CA GLN A 217 14.34 23.44 5.90
C GLN A 217 13.84 24.64 5.09
N GLU A 218 12.86 24.47 4.20
CA GLU A 218 12.34 25.55 3.31
C GLU A 218 10.89 25.90 3.63
N ALA A 219 10.15 25.02 4.31
CA ALA A 219 8.72 25.20 4.62
C ALA A 219 8.39 24.56 5.95
N TRP A 220 7.48 25.21 6.69
CA TRP A 220 6.97 24.74 8.00
C TRP A 220 5.44 24.83 7.95
N ASP A 221 4.80 24.03 8.78
CA ASP A 221 3.33 23.91 8.90
C ASP A 221 2.97 24.56 10.23
N HIS A 222 2.88 25.89 10.23
CA HIS A 222 2.65 26.63 11.49
C HIS A 222 3.62 26.11 12.55
N GLY A 223 4.91 26.07 12.20
CA GLY A 223 5.98 25.62 13.11
C GLY A 223 6.07 24.11 13.28
N LEU A 224 5.27 23.31 12.57
CA LEU A 224 5.40 21.82 12.60
C LEU A 224 6.12 21.36 11.33
N ALA A 225 6.77 20.22 11.41
CA ALA A 225 7.74 19.75 10.39
C ALA A 225 7.02 19.22 9.14
N TYR A 226 7.65 19.40 8.00
CA TYR A 226 7.30 18.70 6.74
C TYR A 226 8.39 17.69 6.48
N LEU A 227 8.10 16.67 5.66
CA LEU A 227 9.17 15.83 5.12
C LEU A 227 10.09 16.73 4.32
N PRO A 228 11.36 16.34 4.18
CA PRO A 228 12.24 16.99 3.24
C PRO A 228 11.76 16.77 1.80
N PHE A 229 12.19 17.65 0.91
CA PHE A 229 11.89 17.55 -0.52
C PHE A 229 12.88 16.56 -1.10
N ASN A 230 12.42 15.89 -2.13
CA ASN A 230 13.29 15.09 -3.02
C ASN A 230 13.81 16.07 -4.07
N ASN A 231 15.07 16.48 -3.95
CA ASN A 231 15.75 17.37 -4.93
C ASN A 231 16.42 16.47 -5.96
N LYS A 232 15.62 15.87 -6.85
CA LYS A 232 16.03 15.12 -8.08
C LYS A 232 15.00 15.39 -9.19
N LYS A 233 15.42 15.36 -10.47
CA LYS A 233 14.60 15.82 -11.62
C LYS A 233 14.67 14.82 -12.77
N PRO A 234 13.58 14.63 -13.54
CA PRO A 234 12.34 15.40 -13.37
C PRO A 234 11.44 14.93 -12.20
N SER A 235 10.72 15.88 -11.58
CA SER A 235 9.80 15.71 -10.42
C SER A 235 8.34 15.75 -10.89
N PRO A 236 7.50 14.73 -10.64
CA PRO A 236 6.09 14.79 -11.04
C PRO A 236 5.33 15.81 -10.20
N CYS A 237 5.80 16.05 -8.98
CA CYS A 237 5.09 17.03 -8.12
C CYS A 237 5.34 18.46 -8.63
N GLU A 238 6.48 18.74 -9.27
CA GLU A 238 6.69 20.03 -9.94
C GLU A 238 5.90 20.03 -11.25
N PHE A 239 5.91 18.92 -11.99
CA PHE A 239 5.26 18.80 -13.33
C PHE A 239 3.80 19.23 -13.20
N ILE A 240 3.09 18.79 -12.17
CA ILE A 240 1.62 19.02 -12.14
C ILE A 240 1.26 20.49 -11.84
N ASN A 241 2.22 21.31 -11.41
CA ASN A 241 2.01 22.78 -11.31
C ASN A 241 3.37 23.47 -11.43
N THR A 242 3.76 23.90 -12.61
CA THR A 242 5.12 24.47 -12.83
C THR A 242 5.21 25.93 -12.37
N THR A 243 4.11 26.52 -11.89
CA THR A 243 4.08 27.87 -11.27
C THR A 243 4.53 27.71 -9.82
N ALA A 244 3.93 26.74 -9.13
CA ALA A 244 4.16 26.50 -7.70
C ALA A 244 5.54 25.87 -7.53
N ARG A 245 5.95 25.03 -8.48
CA ARG A 245 7.25 24.30 -8.46
C ARG A 245 7.53 23.76 -7.06
N VAL A 246 6.59 23.01 -6.49
CA VAL A 246 6.84 22.38 -5.17
C VAL A 246 7.15 20.92 -5.46
N PRO A 247 8.34 20.43 -5.07
CA PRO A 247 8.78 19.05 -5.31
C PRO A 247 7.98 18.02 -4.49
N CYS A 248 8.20 16.76 -4.85
CA CYS A 248 7.72 15.60 -4.06
C CYS A 248 8.47 15.56 -2.72
N PHE A 249 7.87 14.92 -1.72
CA PHE A 249 8.59 14.65 -0.47
C PHE A 249 9.55 13.49 -0.64
N LEU A 250 10.54 13.46 0.24
CA LEU A 250 11.51 12.33 0.32
C LEU A 250 11.13 11.57 1.58
N ALA A 251 10.64 10.35 1.43
CA ALA A 251 10.23 9.54 2.59
C ALA A 251 10.92 8.19 2.51
N GLY A 252 10.61 7.33 3.48
CA GLY A 252 11.10 5.95 3.54
C GLY A 252 10.66 5.14 2.35
N ASP A 253 9.60 5.57 1.66
CA ASP A 253 9.01 4.81 0.54
C ASP A 253 8.90 5.75 -0.66
N PHE A 254 9.22 5.22 -1.84
CA PHE A 254 9.26 5.94 -3.15
C PHE A 254 7.91 6.59 -3.45
N ARG A 255 6.83 6.07 -2.90
CA ARG A 255 5.49 6.39 -3.42
C ARG A 255 4.77 7.45 -2.59
N ALA A 256 5.42 7.99 -1.56
CA ALA A 256 4.82 8.84 -0.50
C ALA A 256 4.03 10.01 -1.09
N SER A 257 4.39 10.58 -2.23
CA SER A 257 3.67 11.75 -2.78
C SER A 257 2.61 11.36 -3.82
N GLU A 258 2.32 10.08 -4.02
CA GLU A 258 1.41 9.65 -5.08
C GLU A 258 0.06 10.38 -4.97
N GLN A 259 -0.38 10.64 -3.75
CA GLN A 259 -1.58 11.45 -3.53
C GLN A 259 -1.45 12.14 -2.18
N ILE A 260 -2.21 13.22 -2.04
CA ILE A 260 -1.98 14.22 -0.98
C ILE A 260 -2.23 13.58 0.40
N LEU A 261 -3.23 12.71 0.53
CA LEU A 261 -3.52 12.12 1.85
C LEU A 261 -2.51 11.04 2.22
N LEU A 262 -1.83 10.42 1.26
CA LEU A 262 -0.69 9.51 1.60
C LEU A 262 0.46 10.38 2.13
N ALA A 263 0.77 11.48 1.45
CA ALA A 263 1.83 12.40 1.88
C ALA A 263 1.48 12.90 3.28
N THR A 264 0.22 13.18 3.54
CA THR A 264 -0.31 13.61 4.86
C THR A 264 0.00 12.56 5.93
N ALA A 265 -0.37 11.32 5.72
CA ALA A 265 -0.08 10.22 6.68
C ALA A 265 1.41 10.05 6.92
N HIS A 266 2.24 10.10 5.86
CA HIS A 266 3.70 10.02 5.98
C HIS A 266 4.24 11.17 6.84
N THR A 267 3.62 12.34 6.72
CA THR A 267 3.98 13.55 7.54
C THR A 267 3.69 13.29 9.02
N LEU A 268 2.50 12.77 9.35
CA LEU A 268 2.18 12.37 10.76
C LEU A 268 3.22 11.39 11.30
N LEU A 269 3.63 10.39 10.52
CA LEU A 269 4.57 9.36 11.04
C LEU A 269 5.94 9.97 11.29
N LEU A 270 6.42 10.83 10.40
CA LEU A 270 7.74 11.47 10.59
C LEU A 270 7.67 12.29 11.89
N ARG A 271 6.60 13.06 12.04
CA ARG A 271 6.47 13.96 13.22
C ARG A 271 6.54 13.08 14.47
N GLU A 272 5.90 11.92 14.41
CA GLU A 272 5.81 11.01 15.57
C GLU A 272 7.20 10.48 15.91
N HIS A 273 8.00 10.06 14.92
CA HIS A 273 9.39 9.64 15.19
C HIS A 273 10.11 10.74 16.03
N ASN A 274 10.16 11.96 15.49
CA ASN A 274 10.93 13.10 16.07
C ASN A 274 10.35 13.39 17.45
N ARG A 275 9.04 13.27 17.64
CA ARG A 275 8.39 13.51 18.95
C ARG A 275 8.91 12.45 19.93
N LEU A 276 8.90 11.19 19.53
CA LEU A 276 9.34 10.09 20.42
C LEU A 276 10.81 10.29 20.77
N ALA A 277 11.64 10.65 19.80
CA ALA A 277 13.11 10.77 19.99
C ALA A 277 13.36 11.89 21.02
N ARG A 278 12.58 12.97 20.95
N ARG A 278 12.58 12.98 20.95
CA ARG A 278 12.75 14.11 21.90
CA ARG A 278 12.73 14.11 21.90
C ARG A 278 12.34 13.69 23.31
C ARG A 278 12.34 13.68 23.31
N GLU A 279 11.19 13.02 23.46
CA GLU A 279 10.73 12.50 24.77
C GLU A 279 11.79 11.55 25.34
N LEU A 280 12.35 10.66 24.50
CA LEU A 280 13.33 9.64 24.99
C LEU A 280 14.62 10.33 25.46
N LYS A 281 15.04 11.38 24.77
CA LYS A 281 16.27 12.15 25.12
C LYS A 281 16.06 12.79 26.51
N LYS A 282 14.84 13.25 26.83
CA LYS A 282 14.54 13.79 28.17
C LYS A 282 14.71 12.69 29.23
N LEU A 283 14.02 11.57 29.06
CA LEU A 283 14.04 10.43 30.03
C LEU A 283 15.47 9.93 30.18
N ASN A 284 16.21 9.88 29.07
CA ASN A 284 17.54 9.24 28.97
C ASN A 284 18.51 10.19 28.28
N PRO A 285 19.01 11.25 28.96
CA PRO A 285 19.92 12.21 28.34
C PRO A 285 21.27 11.62 27.96
N HIS A 286 21.61 10.49 28.58
CA HIS A 286 22.82 9.66 28.32
C HIS A 286 22.73 8.87 26.99
N TRP A 287 21.54 8.68 26.40
CA TRP A 287 21.39 7.96 25.10
C TRP A 287 21.99 8.79 23.96
N ASN A 288 22.89 8.21 23.16
CA ASN A 288 23.43 8.83 21.91
C ASN A 288 22.35 8.82 20.81
N GLY A 289 22.65 9.48 19.69
CA GLY A 289 21.75 9.63 18.53
C GLY A 289 21.28 8.31 17.95
N GLU A 290 22.19 7.37 17.70
CA GLU A 290 21.85 6.02 17.17
C GLU A 290 20.81 5.39 18.09
N LYS A 291 21.04 5.38 19.40
CA LYS A 291 20.15 4.69 20.36
C LYS A 291 18.75 5.30 20.29
N LEU A 292 18.69 6.62 20.29
CA LEU A 292 17.45 7.42 20.23
C LEU A 292 16.67 7.06 18.95
N TYR A 293 17.37 7.06 17.81
CA TYR A 293 16.76 6.72 16.50
C TYR A 293 16.19 5.29 16.57
N GLN A 294 16.99 4.31 16.99
CA GLN A 294 16.56 2.90 17.02
C GLN A 294 15.38 2.76 17.99
N GLU A 295 15.42 3.39 19.17
CA GLU A 295 14.35 3.18 20.17
C GLU A 295 13.04 3.80 19.65
N ALA A 296 13.13 4.98 19.05
CA ALA A 296 11.95 5.69 18.50
C ALA A 296 11.42 4.87 17.30
N ARG A 297 12.33 4.42 16.42
CA ARG A 297 11.97 3.55 15.25
C ARG A 297 11.20 2.30 15.71
N LYS A 298 11.68 1.66 16.79
CA LYS A 298 11.09 0.44 17.37
C LYS A 298 9.69 0.75 17.92
N ILE A 299 9.51 1.91 18.56
CA ILE A 299 8.17 2.32 19.06
C ILE A 299 7.27 2.57 17.85
N LEU A 300 7.74 3.25 16.82
CA LEU A 300 6.83 3.62 15.72
C LEU A 300 6.39 2.33 14.96
N GLY A 301 7.31 1.36 14.80
CA GLY A 301 7.04 0.01 14.25
C GLY A 301 5.94 -0.67 15.06
N ALA A 302 6.05 -0.63 16.39
CA ALA A 302 5.00 -1.21 17.25
C ALA A 302 3.65 -0.50 17.08
N PHE A 303 3.65 0.83 17.04
CA PHE A 303 2.46 1.65 16.78
C PHE A 303 1.78 1.08 15.51
N ILE A 304 2.53 0.98 14.42
CA ILE A 304 1.94 0.54 13.12
C ILE A 304 1.39 -0.88 13.27
N GLN A 305 2.12 -1.81 13.92
CA GLN A 305 1.60 -3.17 14.12
C GLN A 305 0.28 -3.13 14.90
N ILE A 306 0.23 -2.37 16.00
CA ILE A 306 -0.96 -2.40 16.87
C ILE A 306 -2.18 -1.81 16.15
N ILE A 307 -2.06 -0.61 15.59
CA ILE A 307 -3.19 -0.01 14.85
C ILE A 307 -3.64 -1.02 13.81
N THR A 308 -2.70 -1.65 13.13
CA THR A 308 -3.08 -2.54 12.00
C THR A 308 -3.85 -3.75 12.49
N PHE A 309 -3.32 -4.49 13.46
CA PHE A 309 -3.91 -5.79 13.85
C PHE A 309 -5.04 -5.61 14.87
N ARG A 310 -4.96 -4.58 15.67
CA ARG A 310 -6.04 -4.33 16.68
C ARG A 310 -7.23 -3.58 16.09
N ASP A 311 -6.99 -2.54 15.29
CA ASP A 311 -8.04 -1.60 14.82
C ASP A 311 -8.46 -1.87 13.36
N TYR A 312 -7.49 -2.08 12.49
CA TYR A 312 -7.76 -2.15 11.03
C TYR A 312 -8.24 -3.53 10.57
N LEU A 313 -7.49 -4.58 10.85
CA LEU A 313 -7.77 -5.89 10.23
C LEU A 313 -9.15 -6.40 10.66
N PRO A 314 -9.56 -6.21 11.93
CA PRO A 314 -10.89 -6.69 12.35
C PRO A 314 -12.05 -6.13 11.51
N ILE A 315 -11.93 -4.92 11.00
CA ILE A 315 -13.02 -4.24 10.26
C ILE A 315 -12.77 -4.37 8.75
N VAL A 316 -11.65 -4.97 8.33
CA VAL A 316 -11.49 -5.53 6.95
C VAL A 316 -12.03 -6.97 6.89
N LEU A 317 -11.54 -7.84 7.77
CA LEU A 317 -11.82 -9.30 7.66
C LEU A 317 -13.15 -9.69 8.33
N GLY A 318 -13.70 -8.85 9.17
CA GLY A 318 -15.02 -9.16 9.76
C GLY A 318 -15.01 -10.50 10.47
N SER A 319 -16.03 -11.32 10.19
CA SER A 319 -16.24 -12.70 10.71
C SER A 319 -15.04 -13.61 10.45
N GLU A 320 -14.19 -13.27 9.48
CA GLU A 320 -13.08 -14.15 9.03
C GLU A 320 -11.79 -13.87 9.84
N MET A 321 -11.78 -12.84 10.68
CA MET A 321 -10.57 -12.39 11.43
C MET A 321 -10.06 -13.57 12.26
N GLN A 322 -10.94 -14.16 13.07
CA GLN A 322 -10.61 -15.23 14.05
C GLN A 322 -10.15 -16.50 13.33
N LYS A 323 -10.80 -16.83 12.22
CA LYS A 323 -10.47 -18.01 11.37
C LYS A 323 -9.02 -17.94 10.90
N TRP A 324 -8.54 -16.76 10.47
CA TRP A 324 -7.26 -16.65 9.74
C TRP A 324 -6.18 -16.10 10.67
N ILE A 325 -6.52 -15.23 11.61
CA ILE A 325 -5.60 -14.57 12.56
C ILE A 325 -6.10 -14.81 13.99
N PRO A 326 -5.84 -16.01 14.54
CA PRO A 326 -6.12 -16.29 15.94
C PRO A 326 -5.30 -15.38 16.85
N PRO A 327 -5.73 -15.21 18.12
CA PRO A 327 -4.91 -14.55 19.13
C PRO A 327 -3.47 -15.09 19.10
N TYR A 328 -2.51 -14.19 19.31
CA TYR A 328 -1.05 -14.40 19.17
C TYR A 328 -0.61 -15.46 20.17
N GLN A 329 0.24 -16.38 19.72
CA GLN A 329 0.78 -17.46 20.57
C GLN A 329 2.32 -17.47 20.52
N GLY A 330 2.95 -16.37 20.11
CA GLY A 330 4.42 -16.20 20.09
C GLY A 330 5.01 -16.41 18.70
N TYR A 331 6.29 -16.15 18.59
CA TYR A 331 7.11 -16.19 17.38
C TYR A 331 7.24 -17.63 16.94
N ASN A 332 6.93 -17.86 15.67
CA ASN A 332 7.12 -19.18 15.04
C ASN A 332 8.15 -19.06 13.92
N ASN A 333 9.39 -19.46 14.15
CA ASN A 333 10.45 -19.27 13.12
C ASN A 333 10.30 -20.30 11.98
N SER A 334 9.28 -21.14 11.97
CA SER A 334 8.98 -22.07 10.83
C SER A 334 8.03 -21.39 9.82
N VAL A 335 7.42 -20.26 10.19
CA VAL A 335 6.47 -19.50 9.33
C VAL A 335 7.25 -18.71 8.29
N ASP A 336 6.76 -18.66 7.05
CA ASP A 336 7.37 -17.86 5.97
C ASP A 336 6.89 -16.42 6.13
N PRO A 337 7.74 -15.43 6.46
CA PRO A 337 7.23 -14.08 6.63
C PRO A 337 7.14 -13.34 5.29
N ARG A 338 7.58 -13.97 4.19
CA ARG A 338 7.66 -13.22 2.90
C ARG A 338 6.26 -12.85 2.42
N ILE A 339 6.13 -11.65 1.87
CA ILE A 339 4.92 -11.27 1.11
C ILE A 339 4.84 -12.16 -0.13
N SER A 340 3.63 -12.67 -0.37
CA SER A 340 3.30 -13.45 -1.61
C SER A 340 3.00 -12.51 -2.76
N ASN A 341 3.27 -12.95 -3.96
CA ASN A 341 2.89 -12.27 -5.21
C ASN A 341 1.39 -11.98 -5.15
N VAL A 342 0.58 -12.99 -4.86
CA VAL A 342 -0.91 -12.80 -4.96
C VAL A 342 -1.37 -11.73 -3.94
N PHE A 343 -0.77 -11.67 -2.76
CA PHE A 343 -1.15 -10.66 -1.72
C PHE A 343 -1.07 -9.26 -2.30
N THR A 344 -0.07 -9.00 -3.14
CA THR A 344 0.14 -7.66 -3.69
C THR A 344 -1.01 -7.28 -4.63
N PHE A 345 -1.83 -8.22 -5.11
CA PHE A 345 -3.06 -7.94 -5.88
C PHE A 345 -4.28 -8.00 -4.94
N ALA A 346 -4.25 -8.89 -3.94
CA ALA A 346 -5.38 -9.02 -2.98
C ALA A 346 -5.58 -7.68 -2.25
N PHE A 347 -4.49 -7.03 -1.86
CA PHE A 347 -4.56 -5.80 -1.05
C PHE A 347 -4.93 -4.61 -1.91
N ARG A 348 -5.06 -4.82 -3.24
CA ARG A 348 -5.57 -3.72 -4.13
C ARG A 348 -7.08 -3.68 -4.01
N PHE A 349 -7.67 -4.33 -3.01
CA PHE A 349 -9.11 -4.10 -2.74
C PHE A 349 -9.29 -2.62 -2.41
N GLY A 350 -8.25 -1.96 -1.86
CA GLY A 350 -8.34 -0.55 -1.45
C GLY A 350 -8.74 0.34 -2.61
N HIS A 351 -8.39 -0.03 -3.86
CA HIS A 351 -8.70 0.78 -5.07
C HIS A 351 -10.20 1.07 -5.14
N MET A 352 -11.00 0.18 -4.57
N MET A 352 -11.00 0.18 -4.58
CA MET A 352 -12.46 0.37 -4.66
CA MET A 352 -12.47 0.36 -4.65
C MET A 352 -12.98 1.12 -3.43
C MET A 352 -12.98 1.18 -3.46
N GLU A 353 -12.09 1.52 -2.52
CA GLU A 353 -12.47 2.31 -1.35
C GLU A 353 -12.13 3.77 -1.47
N VAL A 354 -11.55 4.20 -2.58
CA VAL A 354 -11.10 5.59 -2.78
C VAL A 354 -12.25 6.38 -3.38
N PRO A 355 -12.69 7.43 -2.69
CA PRO A 355 -13.78 8.24 -3.20
C PRO A 355 -13.29 9.30 -4.20
N SER A 356 -14.24 9.97 -4.83
CA SER A 356 -13.97 10.89 -5.99
C SER A 356 -13.40 12.24 -5.54
N THR A 357 -13.52 12.63 -4.27
CA THR A 357 -13.07 13.97 -3.82
C THR A 357 -12.28 13.83 -2.52
N VAL A 358 -11.56 14.88 -2.20
CA VAL A 358 -10.82 15.11 -0.94
C VAL A 358 -11.26 16.50 -0.42
N SER A 359 -11.56 16.59 0.85
CA SER A 359 -11.91 17.88 1.49
C SER A 359 -10.82 18.36 2.44
N ARG A 360 -10.69 19.68 2.52
CA ARG A 360 -9.98 20.43 3.58
C ARG A 360 -11.05 21.04 4.48
N LEU A 361 -10.98 20.77 5.78
CA LEU A 361 -11.97 21.27 6.76
C LEU A 361 -11.26 22.18 7.76
N ASP A 362 -11.98 23.17 8.28
CA ASP A 362 -11.46 24.16 9.25
C ASP A 362 -11.65 23.61 10.67
N GLU A 363 -11.35 24.41 11.71
CA GLU A 363 -11.38 23.96 13.12
C GLU A 363 -12.80 23.62 13.62
N ASN A 364 -13.85 24.03 12.91
CA ASN A 364 -15.26 23.66 13.22
C ASN A 364 -15.67 22.48 12.34
N TYR A 365 -14.71 21.85 11.65
CA TYR A 365 -14.95 20.71 10.71
C TYR A 365 -15.95 21.15 9.62
N GLN A 366 -15.81 22.41 9.21
CA GLN A 366 -16.61 23.02 8.13
C GLN A 366 -15.65 23.26 6.97
N PRO A 367 -16.19 23.38 5.74
CA PRO A 367 -15.36 23.64 4.57
C PRO A 367 -14.30 24.74 4.76
N TRP A 368 -13.07 24.40 4.39
CA TRP A 368 -11.89 25.26 4.51
C TRP A 368 -11.73 26.07 3.22
N GLY A 369 -12.29 27.27 3.21
CA GLY A 369 -12.17 28.17 2.05
C GLY A 369 -13.17 27.84 0.95
N PRO A 370 -13.01 28.47 -0.22
CA PRO A 370 -14.00 28.43 -1.27
C PRO A 370 -13.91 27.16 -2.17
N GLU A 371 -12.72 26.55 -2.23
CA GLU A 371 -12.48 25.27 -2.96
C GLU A 371 -12.06 24.19 -1.97
N ALA A 372 -12.83 24.03 -0.88
CA ALA A 372 -12.47 23.09 0.21
C ALA A 372 -12.42 21.66 -0.34
N GLU A 373 -13.38 21.33 -1.21
CA GLU A 373 -13.57 19.96 -1.77
C GLU A 373 -12.97 19.95 -3.15
N LEU A 374 -12.05 19.02 -3.43
CA LEU A 374 -11.30 18.97 -4.72
C LEU A 374 -11.46 17.57 -5.33
N PRO A 375 -11.45 17.48 -6.66
CA PRO A 375 -11.49 16.19 -7.34
C PRO A 375 -10.19 15.43 -7.05
N LEU A 376 -10.29 14.12 -6.77
CA LEU A 376 -9.07 13.37 -6.40
C LEU A 376 -7.95 13.51 -7.45
N HIS A 377 -8.25 13.53 -8.74
CA HIS A 377 -7.18 13.47 -9.78
C HIS A 377 -6.32 14.72 -9.71
N THR A 378 -6.83 15.84 -9.15
CA THR A 378 -6.01 17.05 -9.07
C THR A 378 -5.02 16.92 -7.93
N LEU A 379 -5.11 15.85 -7.13
CA LEU A 379 -4.27 15.69 -5.95
C LEU A 379 -3.24 14.57 -6.10
N PHE A 380 -3.13 13.96 -7.28
CA PHE A 380 -2.04 13.02 -7.56
C PHE A 380 -0.76 13.85 -7.67
N PHE A 381 0.29 13.40 -6.99
CA PHE A 381 1.64 14.01 -6.95
C PHE A 381 1.57 15.48 -6.54
N ASN A 382 0.61 15.80 -5.68
CA ASN A 382 0.28 17.19 -5.31
C ASN A 382 0.82 17.43 -3.91
N THR A 383 1.95 18.15 -3.81
CA THR A 383 2.48 18.63 -2.53
C THR A 383 2.22 20.14 -2.34
N TRP A 384 2.04 20.90 -3.43
CA TRP A 384 1.84 22.36 -3.36
C TRP A 384 0.56 22.70 -2.57
N ARG A 385 -0.50 21.91 -2.69
CA ARG A 385 -1.76 22.12 -1.92
C ARG A 385 -1.54 21.89 -0.44
N ILE A 386 -0.51 21.16 -0.04
CA ILE A 386 -0.09 21.13 1.39
C ILE A 386 0.75 22.38 1.71
N ILE A 387 1.85 22.62 1.00
CA ILE A 387 2.84 23.67 1.39
C ILE A 387 2.12 25.01 1.34
N LYS A 388 1.33 25.23 0.29
CA LYS A 388 0.81 26.57 -0.08
C LYS A 388 -0.68 26.73 0.24
N ASP A 389 -1.34 25.78 0.91
CA ASP A 389 -2.83 25.79 1.05
C ASP A 389 -3.29 25.23 2.41
N GLY A 390 -2.53 25.48 3.48
CA GLY A 390 -3.03 25.39 4.86
C GLY A 390 -2.47 24.21 5.61
N GLY A 391 -1.40 23.58 5.08
CA GLY A 391 -0.66 22.51 5.74
C GLY A 391 -1.49 21.22 5.83
N ILE A 392 -1.16 20.28 6.71
CA ILE A 392 -1.85 18.96 6.74
C ILE A 392 -3.11 19.01 7.60
N ASP A 393 -3.26 19.96 8.53
CA ASP A 393 -4.41 19.82 9.48
C ASP A 393 -5.74 19.79 8.74
N PRO A 394 -6.06 20.67 7.79
CA PRO A 394 -7.35 20.58 7.10
C PRO A 394 -7.62 19.24 6.40
N LEU A 395 -6.56 18.58 5.95
CA LEU A 395 -6.63 17.29 5.25
C LEU A 395 -6.86 16.19 6.29
N VAL A 396 -6.16 16.28 7.42
CA VAL A 396 -6.34 15.31 8.53
C VAL A 396 -7.78 15.41 9.01
N ARG A 397 -8.36 16.60 9.16
CA ARG A 397 -9.78 16.69 9.57
C ARG A 397 -10.69 15.99 8.56
N GLY A 398 -10.42 16.14 7.28
CA GLY A 398 -11.15 15.41 6.25
C GLY A 398 -10.98 13.90 6.37
N LEU A 399 -9.78 13.40 6.70
CA LEU A 399 -9.56 11.96 6.90
C LEU A 399 -10.48 11.46 8.02
N LEU A 400 -10.71 12.29 9.05
CA LEU A 400 -11.59 11.89 10.19
C LEU A 400 -13.09 12.01 9.91
N ALA A 401 -13.53 13.08 9.24
CA ALA A 401 -14.94 13.54 9.17
C ALA A 401 -15.58 13.10 7.86
N LYS A 402 -14.80 12.66 6.87
CA LYS A 402 -15.28 12.22 5.53
C LYS A 402 -15.14 10.71 5.48
N LYS A 403 -15.85 10.08 4.57
CA LYS A 403 -16.03 8.63 4.47
C LYS A 403 -15.19 8.04 3.35
N SER A 404 -14.77 6.81 3.54
CA SER A 404 -14.28 5.94 2.45
C SER A 404 -15.42 5.72 1.46
N LYS A 405 -15.06 5.47 0.21
CA LYS A 405 -16.00 4.86 -0.74
C LYS A 405 -16.29 3.41 -0.32
N LEU A 406 -17.53 2.95 -0.52
CA LEU A 406 -17.89 1.54 -0.29
C LEU A 406 -17.69 0.80 -1.59
N MET A 407 -17.21 -0.44 -1.46
N MET A 407 -17.22 -0.43 -1.45
CA MET A 407 -17.09 -1.33 -2.63
CA MET A 407 -17.08 -1.30 -2.63
C MET A 407 -18.53 -1.66 -3.02
C MET A 407 -18.52 -1.66 -3.02
N ASN A 408 -18.80 -1.50 -4.29
CA ASN A 408 -20.14 -1.73 -4.88
C ASN A 408 -19.98 -2.52 -6.18
N GLN A 409 -20.70 -3.61 -6.35
CA GLN A 409 -20.58 -4.45 -7.56
C GLN A 409 -20.93 -3.68 -8.85
N ASP A 410 -21.71 -2.60 -8.74
CA ASP A 410 -22.14 -1.76 -9.87
C ASP A 410 -21.34 -0.45 -9.95
N LYS A 411 -20.51 -0.15 -8.95
CA LYS A 411 -19.67 1.08 -8.87
C LYS A 411 -18.33 0.73 -8.23
N MET A 412 -17.43 0.10 -8.99
CA MET A 412 -16.22 -0.48 -8.38
C MET A 412 -15.13 0.58 -8.15
N VAL A 413 -14.65 1.22 -9.20
CA VAL A 413 -13.51 2.17 -9.08
C VAL A 413 -13.90 3.53 -9.64
N THR A 414 -13.74 4.59 -8.85
CA THR A 414 -14.05 5.97 -9.30
C THR A 414 -13.31 6.28 -10.61
N SER A 415 -13.96 6.99 -11.54
CA SER A 415 -13.26 7.58 -12.70
C SER A 415 -12.03 8.42 -12.37
N GLU A 416 -11.93 8.99 -11.18
CA GLU A 416 -10.71 9.74 -10.79
C GLU A 416 -9.47 8.85 -10.89
N LEU A 417 -9.57 7.58 -10.51
CA LEU A 417 -8.53 6.53 -10.75
C LEU A 417 -8.69 5.78 -12.07
N ARG A 418 -9.88 5.60 -12.60
CA ARG A 418 -10.14 4.67 -13.70
C ARG A 418 -9.89 5.37 -15.06
N ASN A 419 -10.00 6.70 -15.08
CA ASN A 419 -9.80 7.48 -16.33
C ASN A 419 -8.78 8.61 -16.20
N LYS A 420 -8.49 9.09 -14.99
CA LYS A 420 -7.68 10.32 -14.80
C LYS A 420 -6.45 10.07 -13.95
N LEU A 421 -5.98 8.82 -13.85
CA LEU A 421 -4.77 8.56 -13.05
C LEU A 421 -3.57 9.25 -13.72
N PHE A 422 -2.72 9.87 -12.93
CA PHE A 422 -1.44 10.45 -13.43
C PHE A 422 -0.31 9.49 -13.07
N GLN A 423 0.55 9.17 -14.03
CA GLN A 423 1.78 8.37 -13.81
C GLN A 423 2.98 9.24 -14.11
N PRO A 424 4.03 9.22 -13.26
CA PRO A 424 5.26 9.95 -13.60
C PRO A 424 5.83 9.63 -14.99
N THR A 425 6.44 10.65 -15.61
CA THR A 425 7.05 10.70 -17.00
C THR A 425 5.96 10.55 -18.03
N HIS A 426 4.79 10.19 -17.56
CA HIS A 426 3.64 10.27 -18.46
C HIS A 426 3.13 11.68 -18.11
N LYS A 427 2.57 12.36 -19.06
CA LYS A 427 2.31 13.78 -18.80
C LYS A 427 0.82 14.03 -18.58
N ILE A 428 0.01 12.99 -18.69
CA ILE A 428 -1.45 13.23 -18.73
C ILE A 428 -2.17 12.59 -17.55
N HIS A 429 -3.26 13.22 -17.15
CA HIS A 429 -4.16 12.64 -16.12
C HIS A 429 -5.15 11.82 -16.94
N GLY A 430 -4.69 10.67 -17.42
CA GLY A 430 -5.40 9.88 -18.44
C GLY A 430 -5.23 8.38 -18.32
N PHE A 431 -4.72 7.89 -17.19
CA PHE A 431 -4.44 6.45 -17.02
C PHE A 431 -5.60 5.80 -16.26
N ASP A 432 -5.54 4.48 -16.20
CA ASP A 432 -6.64 3.67 -15.62
C ASP A 432 -6.01 2.67 -14.64
N LEU A 433 -6.14 2.95 -13.35
CA LEU A 433 -5.56 2.02 -12.36
C LEU A 433 -6.20 0.61 -12.45
N ALA A 434 -7.49 0.45 -12.76
CA ALA A 434 -8.11 -0.88 -12.84
C ALA A 434 -7.47 -1.66 -14.00
N ALA A 435 -7.29 -1.01 -15.16
CA ALA A 435 -6.66 -1.66 -16.33
C ALA A 435 -5.22 -2.04 -15.97
N ILE A 436 -4.52 -1.16 -15.28
CA ILE A 436 -3.12 -1.40 -14.84
C ILE A 436 -3.12 -2.60 -13.90
N ASN A 437 -4.10 -2.70 -13.02
CA ASN A 437 -4.09 -3.82 -12.05
C ASN A 437 -4.27 -5.15 -12.81
N LEU A 438 -5.21 -5.20 -13.75
CA LEU A 438 -5.49 -6.43 -14.52
C LEU A 438 -4.25 -6.78 -15.35
N GLN A 439 -3.68 -5.79 -16.02
CA GLN A 439 -2.48 -6.05 -16.84
C GLN A 439 -1.33 -6.57 -15.95
N ARG A 440 -1.20 -6.02 -14.73
CA ARG A 440 -0.12 -6.39 -13.79
C ARG A 440 -0.38 -7.78 -13.24
N CYS A 441 -1.63 -8.19 -12.97
CA CYS A 441 -1.97 -9.59 -12.61
C CYS A 441 -1.32 -10.51 -13.64
N ARG A 442 -1.45 -10.19 -14.91
CA ARG A 442 -0.96 -11.04 -16.02
C ARG A 442 0.56 -10.95 -16.12
N ASP A 443 1.11 -9.75 -16.00
CA ASP A 443 2.56 -9.49 -15.91
C ASP A 443 3.21 -10.40 -14.86
N HIS A 444 2.58 -10.55 -13.70
CA HIS A 444 3.08 -11.35 -12.57
C HIS A 444 2.75 -12.86 -12.66
N GLY A 445 2.18 -13.32 -13.75
CA GLY A 445 1.85 -14.75 -13.92
C GLY A 445 0.83 -15.26 -12.93
N MET A 446 -0.14 -14.43 -12.59
CA MET A 446 -1.10 -14.85 -11.56
C MET A 446 -1.96 -16.04 -12.03
N PRO A 447 -2.08 -17.12 -11.21
CA PRO A 447 -3.17 -18.07 -11.39
C PRO A 447 -4.53 -17.35 -11.40
N GLY A 448 -5.49 -17.92 -12.12
CA GLY A 448 -6.81 -17.30 -12.25
C GLY A 448 -7.68 -17.51 -11.03
N TYR A 449 -8.88 -16.96 -11.12
CA TYR A 449 -9.83 -16.86 -10.00
C TYR A 449 -10.10 -18.22 -9.35
N ASN A 450 -10.37 -19.25 -10.15
CA ASN A 450 -10.74 -20.58 -9.60
C ASN A 450 -9.52 -21.25 -8.95
N SER A 451 -8.30 -21.05 -9.45
CA SER A 451 -7.11 -21.62 -8.78
C SER A 451 -7.08 -21.08 -7.35
N TRP A 452 -7.38 -19.79 -7.14
CA TRP A 452 -7.31 -19.17 -5.82
C TRP A 452 -8.53 -19.61 -4.99
N ARG A 453 -9.69 -19.77 -5.61
CA ARG A 453 -10.84 -20.33 -4.85
C ARG A 453 -10.43 -21.70 -4.31
N GLY A 454 -9.82 -22.55 -5.12
CA GLY A 454 -9.39 -23.88 -4.64
C GLY A 454 -8.35 -23.78 -3.55
N PHE A 455 -7.35 -22.94 -3.72
CA PHE A 455 -6.38 -22.64 -2.65
C PHE A 455 -7.02 -22.28 -1.31
N CYS A 456 -8.15 -21.59 -1.35
CA CYS A 456 -8.90 -21.12 -0.19
C CYS A 456 -10.02 -22.10 0.23
N GLY A 457 -10.12 -23.27 -0.38
CA GLY A 457 -11.12 -24.30 0.00
C GLY A 457 -12.52 -23.82 -0.32
N LEU A 458 -12.64 -22.98 -1.34
CA LEU A 458 -13.95 -22.44 -1.81
C LEU A 458 -14.34 -23.10 -3.12
N SER A 459 -15.63 -23.11 -3.42
CA SER A 459 -16.19 -23.68 -4.66
C SER A 459 -15.58 -22.97 -5.87
N GLN A 460 -15.41 -23.70 -6.98
CA GLN A 460 -14.88 -23.23 -8.26
C GLN A 460 -16.02 -23.26 -9.26
N PRO A 461 -16.74 -22.13 -9.43
CA PRO A 461 -17.84 -22.10 -10.40
C PRO A 461 -17.35 -22.30 -11.84
N LYS A 462 -18.08 -23.10 -12.64
CA LYS A 462 -17.65 -23.44 -14.03
C LYS A 462 -18.60 -22.85 -15.07
N THR A 463 -19.78 -22.46 -14.65
CA THR A 463 -20.85 -22.02 -15.56
C THR A 463 -21.27 -20.60 -15.22
N LEU A 464 -21.98 -19.96 -16.12
CA LEU A 464 -22.68 -18.71 -15.75
C LEU A 464 -23.50 -18.91 -14.47
N LYS A 465 -24.38 -19.90 -14.35
CA LYS A 465 -25.25 -20.00 -13.15
C LYS A 465 -24.42 -20.17 -11.87
N GLY A 466 -23.31 -20.92 -11.94
CA GLY A 466 -22.47 -21.09 -10.74
C GLY A 466 -21.82 -19.77 -10.35
N LEU A 467 -21.42 -18.97 -11.33
CA LEU A 467 -20.75 -17.66 -11.01
C LEU A 467 -21.83 -16.73 -10.43
N GLN A 468 -23.04 -16.80 -10.94
CA GLN A 468 -24.11 -15.92 -10.39
C GLN A 468 -24.30 -16.21 -8.92
N THR A 469 -24.28 -17.49 -8.53
CA THR A 469 -24.55 -17.90 -7.15
C THR A 469 -23.40 -17.41 -6.23
N VAL A 470 -22.16 -17.57 -6.69
CA VAL A 470 -20.97 -17.16 -5.87
C VAL A 470 -20.95 -15.62 -5.73
N LEU A 471 -21.25 -14.88 -6.78
CA LEU A 471 -21.20 -13.39 -6.75
C LEU A 471 -22.52 -12.79 -6.25
N LYS A 472 -23.57 -13.63 -6.16
CA LYS A 472 -24.90 -13.14 -5.71
C LYS A 472 -25.30 -11.96 -6.58
N ASN A 473 -25.09 -12.07 -7.88
CA ASN A 473 -25.24 -10.95 -8.84
C ASN A 473 -25.32 -11.52 -10.26
N LYS A 474 -26.51 -11.57 -10.84
CA LYS A 474 -26.59 -12.18 -12.19
C LYS A 474 -26.04 -11.26 -13.27
N ILE A 475 -26.21 -9.94 -13.21
CA ILE A 475 -25.73 -9.07 -14.31
C ILE A 475 -24.20 -9.06 -14.28
N LEU A 476 -23.59 -8.94 -13.10
CA LEU A 476 -22.09 -8.93 -12.97
C LEU A 476 -21.53 -10.27 -13.46
N ALA A 477 -22.12 -11.40 -13.05
CA ALA A 477 -21.67 -12.72 -13.55
C ALA A 477 -21.75 -12.76 -15.07
N LYS A 478 -22.82 -12.22 -15.69
CA LYS A 478 -22.98 -12.29 -17.15
C LYS A 478 -21.90 -11.45 -17.84
N LYS A 479 -21.61 -10.25 -17.33
CA LYS A 479 -20.57 -9.41 -17.95
C LYS A 479 -19.22 -10.13 -17.91
N LEU A 480 -18.89 -10.74 -16.78
CA LEU A 480 -17.60 -11.44 -16.56
C LEU A 480 -17.56 -12.66 -17.50
N MET A 481 -18.64 -13.40 -17.62
CA MET A 481 -18.64 -14.55 -18.57
C MET A 481 -18.54 -14.07 -20.01
N ASP A 482 -19.16 -12.94 -20.38
CA ASP A 482 -19.11 -12.49 -21.78
C ASP A 482 -17.68 -12.13 -22.16
N LEU A 483 -16.95 -11.56 -21.20
CA LEU A 483 -15.55 -11.14 -21.41
C LEU A 483 -14.58 -12.33 -21.27
N TYR A 484 -14.71 -13.11 -20.22
CA TYR A 484 -13.71 -14.15 -19.86
C TYR A 484 -14.07 -15.52 -20.41
N LYS A 485 -15.36 -15.83 -20.65
CA LYS A 485 -15.86 -17.09 -21.27
C LYS A 485 -15.79 -18.31 -20.34
N THR A 486 -14.98 -18.27 -19.27
CA THR A 486 -14.85 -19.27 -18.22
C THR A 486 -14.34 -18.55 -16.97
N PRO A 487 -14.90 -18.84 -15.78
CA PRO A 487 -14.41 -18.27 -14.52
C PRO A 487 -12.95 -18.61 -14.21
N ASP A 488 -12.47 -19.74 -14.75
CA ASP A 488 -11.03 -20.11 -14.68
C ASP A 488 -10.14 -18.99 -15.21
N ASN A 489 -10.61 -18.11 -16.09
CA ASN A 489 -9.75 -17.11 -16.76
C ASN A 489 -9.85 -15.74 -16.07
N ILE A 490 -10.80 -15.56 -15.17
CA ILE A 490 -11.04 -14.25 -14.51
C ILE A 490 -9.78 -13.91 -13.73
N ASP A 491 -9.19 -12.78 -14.06
CA ASP A 491 -8.04 -12.23 -13.30
C ASP A 491 -8.39 -12.15 -11.82
N ILE A 492 -7.46 -12.52 -10.95
CA ILE A 492 -7.69 -12.53 -9.48
C ILE A 492 -8.10 -11.16 -8.93
N TRP A 493 -7.52 -10.05 -9.36
CA TRP A 493 -7.90 -8.73 -8.82
C TRP A 493 -9.41 -8.49 -8.99
N ILE A 494 -9.93 -8.74 -10.19
CA ILE A 494 -11.39 -8.46 -10.43
C ILE A 494 -12.23 -9.57 -9.80
N GLY A 495 -11.85 -10.85 -9.91
CA GLY A 495 -12.62 -11.95 -9.32
C GLY A 495 -12.75 -11.79 -7.83
N GLY A 496 -11.64 -11.56 -7.11
CA GLY A 496 -11.76 -11.39 -5.66
C GLY A 496 -12.60 -10.20 -5.30
N ASN A 497 -12.50 -9.12 -6.04
CA ASN A 497 -13.16 -7.88 -5.59
C ASN A 497 -14.65 -7.97 -5.97
N ALA A 498 -15.02 -8.89 -6.84
CA ALA A 498 -16.41 -9.01 -7.35
C ALA A 498 -17.25 -9.71 -6.28
N GLU A 499 -16.65 -10.38 -5.30
CA GLU A 499 -17.42 -11.21 -4.34
C GLU A 499 -18.06 -10.27 -3.32
N PRO A 500 -19.28 -10.60 -2.86
CA PRO A 500 -19.88 -9.80 -1.82
C PRO A 500 -19.11 -9.92 -0.52
N MET A 501 -19.10 -8.81 0.23
CA MET A 501 -18.28 -8.65 1.47
C MET A 501 -18.77 -9.55 2.61
N VAL A 502 -17.85 -10.10 3.40
CA VAL A 502 -18.15 -10.94 4.60
C VAL A 502 -18.79 -10.04 5.66
N GLU A 503 -19.53 -10.67 6.59
CA GLU A 503 -20.22 -9.89 7.63
C GLU A 503 -19.16 -9.15 8.44
N ARG A 504 -19.42 -7.88 8.71
CA ARG A 504 -18.65 -6.96 9.58
C ARG A 504 -17.33 -6.65 8.88
N GLY A 505 -17.17 -7.09 7.63
CA GLY A 505 -15.93 -6.90 6.88
C GLY A 505 -16.10 -6.02 5.65
N ARG A 506 -15.02 -5.86 4.89
CA ARG A 506 -15.08 -5.04 3.66
C ARG A 506 -14.43 -5.76 2.45
N VAL A 507 -14.22 -7.06 2.58
CA VAL A 507 -13.81 -7.92 1.47
C VAL A 507 -14.63 -9.20 1.55
N GLY A 508 -14.69 -9.89 0.44
CA GLY A 508 -15.42 -11.16 0.28
C GLY A 508 -14.57 -12.32 0.79
N PRO A 509 -15.09 -13.55 0.67
CA PRO A 509 -14.43 -14.71 1.29
C PRO A 509 -13.04 -15.06 0.71
N LEU A 510 -12.89 -14.93 -0.59
CA LEU A 510 -11.60 -15.28 -1.25
C LEU A 510 -10.54 -14.31 -0.74
N LEU A 511 -10.80 -13.01 -0.82
CA LEU A 511 -9.82 -11.99 -0.38
C LEU A 511 -9.58 -12.15 1.12
N ALA A 512 -10.62 -12.46 1.93
CA ALA A 512 -10.41 -12.57 3.39
C ALA A 512 -9.38 -13.67 3.68
N CYS A 513 -9.48 -14.77 2.97
CA CYS A 513 -8.57 -15.93 3.08
C CYS A 513 -7.13 -15.53 2.70
N LEU A 514 -6.99 -14.90 1.56
CA LEU A 514 -5.63 -14.55 1.04
C LEU A 514 -4.97 -13.50 1.96
N LEU A 515 -5.73 -12.48 2.32
CA LEU A 515 -5.24 -11.43 3.19
C LEU A 515 -4.96 -12.03 4.58
N GLY A 516 -5.95 -12.75 5.11
CA GLY A 516 -5.86 -13.32 6.47
C GLY A 516 -4.64 -14.19 6.63
N ARG A 517 -4.37 -15.05 5.66
N ARG A 517 -4.38 -15.03 5.64
CA ARG A 517 -3.20 -15.94 5.66
CA ARG A 517 -3.22 -15.93 5.62
C ARG A 517 -1.96 -15.06 5.67
C ARG A 517 -1.96 -15.07 5.65
N GLN A 518 -1.91 -14.03 4.81
CA GLN A 518 -0.69 -13.22 4.73
C GLN A 518 -0.42 -12.52 6.06
N PHE A 519 -1.45 -11.95 6.67
CA PHE A 519 -1.27 -11.14 7.88
C PHE A 519 -0.90 -12.07 9.05
N GLN A 520 -1.52 -13.25 9.10
CA GLN A 520 -1.09 -14.30 10.07
C GLN A 520 0.41 -14.56 9.95
N GLN A 521 0.95 -14.67 8.72
CA GLN A 521 2.38 -14.98 8.51
C GLN A 521 3.24 -13.78 8.89
N ILE A 522 2.81 -12.57 8.54
CA ILE A 522 3.52 -11.32 8.86
C ILE A 522 3.73 -11.19 10.37
N ARG A 523 2.74 -11.57 11.15
CA ARG A 523 2.80 -11.48 12.62
C ARG A 523 3.63 -12.66 13.18
N ASP A 524 3.24 -13.88 12.83
CA ASP A 524 3.77 -15.12 13.49
C ASP A 524 5.24 -15.35 13.09
N GLY A 525 5.63 -14.88 11.91
CA GLY A 525 6.96 -15.10 11.33
C GLY A 525 7.94 -14.01 11.63
N ASP A 526 7.58 -13.05 12.48
CA ASP A 526 8.41 -11.86 12.76
C ASP A 526 9.05 -11.97 14.14
N ARG A 527 10.39 -12.06 14.18
CA ARG A 527 11.16 -12.21 15.45
C ARG A 527 10.96 -10.96 16.33
N PHE A 528 10.64 -9.82 15.68
CA PHE A 528 10.60 -8.48 16.32
C PHE A 528 9.15 -8.04 16.53
N TRP A 529 8.20 -8.95 16.35
CA TRP A 529 6.77 -8.67 16.60
C TRP A 529 6.69 -7.97 17.95
N TRP A 530 5.96 -6.86 18.07
CA TRP A 530 5.92 -6.06 19.34
C TRP A 530 5.53 -6.90 20.56
N GLU A 531 4.69 -7.91 20.39
CA GLU A 531 4.13 -8.72 21.52
C GLU A 531 4.97 -10.00 21.75
N ASN A 532 6.02 -10.22 20.95
CA ASN A 532 6.93 -11.35 21.14
C ASN A 532 7.69 -11.08 22.45
N PRO A 533 7.55 -11.96 23.47
CA PRO A 533 8.28 -11.81 24.72
C PRO A 533 9.78 -11.50 24.53
N GLY A 534 10.30 -10.49 25.24
CA GLY A 534 11.69 -10.02 25.13
C GLY A 534 11.85 -8.79 24.24
N VAL A 535 10.97 -8.59 23.25
CA VAL A 535 11.12 -7.45 22.31
C VAL A 535 10.96 -6.15 23.10
N PHE A 536 9.84 -6.04 23.77
CA PHE A 536 9.57 -4.97 24.74
C PHE A 536 9.49 -5.62 26.12
N THR A 537 9.66 -4.81 27.17
CA THR A 537 9.37 -5.26 28.55
C THR A 537 7.86 -5.35 28.74
N GLU A 538 7.40 -6.09 29.74
CA GLU A 538 5.94 -6.16 30.00
C GLU A 538 5.38 -4.77 30.28
N LYS A 539 6.13 -3.90 30.96
CA LYS A 539 5.65 -2.53 31.30
C LYS A 539 5.54 -1.70 30.02
N GLN A 540 6.56 -1.77 29.16
CA GLN A 540 6.48 -1.12 27.82
C GLN A 540 5.23 -1.59 27.08
N ARG A 541 4.97 -2.88 27.03
CA ARG A 541 3.77 -3.43 26.32
C ARG A 541 2.52 -2.85 26.95
N ASP A 542 2.49 -2.65 28.27
CA ASP A 542 1.26 -2.12 28.91
C ASP A 542 1.02 -0.69 28.42
N SER A 543 2.08 0.11 28.23
CA SER A 543 2.01 1.50 27.71
C SER A 543 1.56 1.44 26.24
N LEU A 544 2.15 0.54 25.46
CA LEU A 544 1.92 0.46 23.99
C LEU A 544 0.47 0.12 23.70
N GLN A 545 -0.18 -0.65 24.57
CA GLN A 545 -1.59 -1.06 24.43
C GLN A 545 -2.49 0.18 24.28
N LYS A 546 -2.09 1.33 24.78
CA LYS A 546 -2.95 2.52 24.84
C LYS A 546 -2.81 3.39 23.56
N VAL A 547 -1.88 3.07 22.65
CA VAL A 547 -1.74 3.84 21.37
C VAL A 547 -3.09 3.88 20.66
N SER A 548 -3.35 4.97 19.94
CA SER A 548 -4.53 5.19 19.08
C SER A 548 -4.14 6.15 17.94
N PHE A 549 -4.81 6.06 16.78
CA PHE A 549 -4.56 7.02 15.69
C PHE A 549 -4.96 8.41 16.23
N SER A 550 -5.97 8.43 17.08
CA SER A 550 -6.50 9.70 17.64
C SER A 550 -5.37 10.43 18.39
N ARG A 551 -4.61 9.70 19.21
CA ARG A 551 -3.52 10.34 19.97
C ARG A 551 -2.42 10.75 19.00
N LEU A 552 -2.13 9.92 17.99
CA LEU A 552 -1.13 10.29 16.98
C LEU A 552 -1.51 11.67 16.45
N ILE A 553 -2.77 11.91 16.15
CA ILE A 553 -3.21 13.20 15.56
C ILE A 553 -3.02 14.30 16.62
N CYS A 554 -3.51 14.06 17.81
CA CYS A 554 -3.42 15.08 18.92
C CYS A 554 -1.95 15.51 19.09
N ASP A 555 -1.00 14.57 19.08
CA ASP A 555 0.42 14.82 19.43
C ASP A 555 1.14 15.54 18.30
N ASN A 556 0.67 15.38 17.05
CA ASN A 556 1.50 15.72 15.86
C ASN A 556 0.80 16.70 14.92
N THR A 557 -0.24 17.40 15.42
CA THR A 557 -0.94 18.46 14.68
C THR A 557 -1.43 19.53 15.65
N HIS A 558 -2.12 20.57 15.16
CA HIS A 558 -2.82 21.55 16.06
C HIS A 558 -4.32 21.22 16.10
N ILE A 559 -4.68 19.96 15.79
CA ILE A 559 -6.08 19.46 15.95
C ILE A 559 -6.31 19.09 17.41
N THR A 560 -7.37 19.62 18.04
CA THR A 560 -7.66 19.35 19.48
C THR A 560 -8.96 18.59 19.66
N LYS A 561 -9.71 18.32 18.59
CA LYS A 561 -10.95 17.52 18.67
C LYS A 561 -10.87 16.31 17.73
N VAL A 562 -11.02 15.10 18.28
CA VAL A 562 -10.75 13.82 17.56
C VAL A 562 -11.79 12.80 18.00
N PRO A 563 -12.13 11.80 17.16
CA PRO A 563 -12.96 10.69 17.64
C PRO A 563 -12.14 9.67 18.41
N LEU A 564 -12.79 8.85 19.21
CA LEU A 564 -12.06 7.76 19.92
C LEU A 564 -11.77 6.62 18.95
N HIS A 565 -12.65 6.37 17.98
CA HIS A 565 -12.59 5.20 17.04
C HIS A 565 -12.44 5.75 15.62
N ALA A 566 -11.21 6.11 15.24
CA ALA A 566 -10.99 6.97 14.07
C ALA A 566 -11.33 6.25 12.74
N PHE A 567 -11.36 4.91 12.71
CA PHE A 567 -11.68 4.16 11.46
C PHE A 567 -13.18 4.10 11.17
N GLN A 568 -14.01 4.36 12.18
CA GLN A 568 -15.49 4.41 12.05
C GLN A 568 -15.89 5.71 11.34
N ALA A 569 -17.06 5.76 10.70
CA ALA A 569 -17.61 7.02 10.17
C ALA A 569 -17.99 7.83 11.42
N ASN A 570 -17.35 8.97 11.62
CA ASN A 570 -17.51 9.89 12.78
C ASN A 570 -18.00 11.25 12.26
N ASN A 571 -18.99 11.83 12.94
CA ASN A 571 -19.55 13.17 12.58
C ASN A 571 -19.31 14.17 13.73
N TYR A 572 -18.91 15.38 13.36
CA TYR A 572 -18.53 16.50 14.27
C TYR A 572 -19.78 17.32 14.52
N PRO A 573 -20.09 17.74 15.77
CA PRO A 573 -19.24 17.46 16.94
C PRO A 573 -19.59 16.20 17.76
N HIS A 574 -20.67 15.50 17.46
CA HIS A 574 -21.26 14.45 18.33
C HIS A 574 -20.23 13.34 18.60
N ASP A 575 -19.42 12.95 17.62
CA ASP A 575 -18.52 11.78 17.75
C ASP A 575 -17.12 12.23 18.12
N PHE A 576 -16.89 13.52 18.37
CA PHE A 576 -15.53 14.06 18.64
C PHE A 576 -15.35 14.48 20.11
N VAL A 577 -14.15 14.27 20.67
CA VAL A 577 -13.78 14.60 22.08
C VAL A 577 -12.52 15.49 22.06
N ASP A 578 -12.23 16.21 23.15
CA ASP A 578 -10.95 16.91 23.35
C ASP A 578 -9.86 15.85 23.47
N CYS A 579 -8.71 16.19 22.90
CA CYS A 579 -7.45 15.45 23.04
C CYS A 579 -7.18 15.13 24.53
N SER A 580 -7.56 16.02 25.46
CA SER A 580 -7.36 15.84 26.93
C SER A 580 -7.91 14.51 27.45
N THR A 581 -9.00 14.00 26.88
CA THR A 581 -9.67 12.76 27.35
C THR A 581 -9.07 11.51 26.70
N VAL A 582 -8.09 11.65 25.80
CA VAL A 582 -7.54 10.54 24.97
C VAL A 582 -6.26 10.00 25.61
N ASP A 583 -6.18 8.69 25.84
CA ASP A 583 -4.96 8.09 26.46
C ASP A 583 -3.72 8.53 25.68
N LYS A 584 -2.65 8.84 26.42
CA LYS A 584 -1.30 9.12 25.88
C LYS A 584 -0.47 7.85 25.94
N LEU A 585 0.53 7.76 25.10
CA LEU A 585 1.61 6.77 25.22
C LEU A 585 2.52 7.22 26.38
N ASP A 586 2.53 6.47 27.47
CA ASP A 586 3.41 6.72 28.64
C ASP A 586 4.80 6.13 28.41
N LEU A 587 5.80 6.96 28.11
CA LEU A 587 7.17 6.45 27.81
C LEU A 587 7.99 6.23 29.08
N SER A 588 7.42 6.41 30.28
CA SER A 588 8.21 6.28 31.54
C SER A 588 8.87 4.90 31.60
N PRO A 589 8.20 3.79 31.19
CA PRO A 589 8.86 2.46 31.17
C PRO A 589 10.09 2.32 30.25
N TRP A 590 10.42 3.35 29.47
CA TRP A 590 11.65 3.42 28.65
C TRP A 590 12.79 4.11 29.42
N ALA A 591 12.53 4.70 30.59
CA ALA A 591 13.58 5.25 31.50
C ALA A 591 14.60 4.16 31.79
N SER A 592 15.87 4.38 31.45
CA SER A 592 16.96 3.39 31.53
C SER A 592 17.94 3.76 32.64
N ARG A 593 17.88 3.04 33.77
CA ARG A 593 18.68 3.24 35.01
C ARG A 593 19.82 2.22 35.06
N GLU A 594 21.06 2.68 34.93
CA GLU A 594 22.31 1.90 35.19
C GLU A 594 22.76 2.18 36.63
N ASN A 595 22.63 3.44 37.08
CA ASN A 595 22.90 3.91 38.47
C ASN A 595 21.71 4.77 38.95
C1 NAG B . -0.56 26.26 -9.19
C2 NAG B . -2.07 26.37 -9.33
C3 NAG B . -2.58 27.76 -9.02
C4 NAG B . -1.97 28.29 -7.75
C5 NAG B . -0.42 28.08 -7.79
C6 NAG B . 0.43 28.51 -6.58
C7 NAG B . -2.84 24.69 -10.91
C8 NAG B . -3.26 24.42 -12.31
N2 NAG B . -2.48 25.95 -10.64
O3 NAG B . -4.03 27.72 -8.93
O4 NAG B . -2.36 29.69 -7.49
O5 NAG B . -0.13 26.69 -7.94
O6 NAG B . -0.40 28.30 -5.42
O7 NAG B . -2.80 23.79 -10.08
C1 NAG B . -3.05 30.17 -6.41
C2 NAG B . -3.03 31.43 -5.52
C3 NAG B . -4.42 31.58 -4.89
C4 NAG B . -5.31 32.07 -6.02
C5 NAG B . -5.42 30.92 -7.04
C6 NAG B . -6.08 31.44 -8.34
C7 NAG B . -0.69 31.84 -4.91
C8 NAG B . 0.36 31.94 -3.84
N2 NAG B . -1.92 31.44 -4.55
O3 NAG B . -4.52 32.51 -3.80
O4 NAG B . -6.59 32.51 -5.52
O5 NAG B . -4.14 30.28 -7.35
O6 NAG B . -6.95 30.44 -8.90
O7 NAG B . -0.43 32.12 -6.08
CHA HEM C . -0.49 -0.35 -6.39
CHB HEM C . -2.25 4.09 -6.85
CHC HEM C . -4.93 3.47 -2.85
CHD HEM C . -3.01 -0.92 -2.31
C1A HEM C . -0.82 0.84 -6.90
C2A HEM C . -0.24 1.38 -8.09
C3A HEM C . -0.68 2.65 -8.19
C4A HEM C . -1.61 2.90 -7.13
CMA HEM C . -0.44 3.56 -9.36
CAA HEM C . 0.72 0.66 -9.05
CBA HEM C . -0.10 -0.16 -10.08
CGA HEM C . 0.80 -1.07 -10.90
O1A HEM C . 0.64 -2.30 -10.99
O2A HEM C . 1.75 -0.49 -11.54
C1B HEM C . -3.08 4.30 -5.75
C2B HEM C . -3.66 5.57 -5.46
C3B HEM C . -4.45 5.41 -4.34
C4B HEM C . -4.27 4.03 -3.93
CMB HEM C . -3.44 6.84 -6.29
CAB HEM C . -5.32 6.39 -3.60
CBB HEM C . -5.77 7.51 -4.17
C1C HEM C . -4.64 2.24 -2.34
C2C HEM C . -5.19 1.65 -1.24
C3C HEM C . -4.70 0.40 -1.08
C4C HEM C . -3.75 0.20 -2.11
CMC HEM C . -6.30 2.36 -0.41
CAC HEM C . -4.96 -0.61 -0.02
CBC HEM C . -5.93 -0.63 0.98
C1D HEM C . -2.08 -1.07 -3.42
C2D HEM C . -1.21 -2.26 -3.44
C3D HEM C . -0.45 -2.07 -4.57
C4D HEM C . -0.98 -0.86 -5.22
CMD HEM C . -1.05 -3.41 -2.47
CAD HEM C . 0.64 -3.00 -5.06
CBD HEM C . 2.00 -2.53 -4.38
CGD HEM C . 3.22 -3.36 -4.96
O1D HEM C . 3.86 -2.83 -5.98
O2D HEM C . 3.54 -4.52 -4.48
NA HEM C . -1.60 1.79 -6.36
NB HEM C . -3.46 3.45 -4.83
NC HEM C . -3.80 1.30 -2.92
ND HEM C . -1.95 -0.25 -4.50
FE HEM C . -2.81 1.47 -4.74
CA CA D . 8.07 -3.40 5.80
C1 NAG E . 4.69 -23.07 13.31
C2 NAG E . 3.44 -23.75 13.88
C3 NAG E . 3.12 -25.12 13.26
C4 NAG E . 3.20 -25.06 11.74
C5 NAG E . 4.44 -24.29 11.27
C6 NAG E . 4.42 -24.15 9.77
C7 NAG E . 2.62 -23.49 16.17
C8 NAG E . 2.97 -23.71 17.62
N2 NAG E . 3.59 -23.81 15.32
O3 NAG E . 1.79 -25.56 13.60
O4 NAG E . 3.27 -26.42 11.26
O5 NAG E . 4.51 -22.99 11.89
O6 NAG E . 3.34 -23.26 9.50
O7 NAG E . 1.51 -23.09 15.78
I IOD F . 1.50 -16.30 -5.47
I IOD G . -15.38 -0.98 -24.33
I IOD H . -19.34 -2.98 10.00
I IOD I . 14.39 20.37 2.09
I IOD J . -2.09 -6.48 18.24
I IOD K . -10.86 2.59 15.13
I IOD L . 8.30 25.74 -0.77
I IOD M . 7.00 18.62 14.40
I IOD N . -16.11 20.03 2.21
I IOD O . 15.10 -17.80 17.01
C1 EDO P . -10.97 28.53 11.17
O1 EDO P . -12.20 28.11 11.55
C2 EDO P . -9.88 27.63 11.60
O2 EDO P . -8.70 28.26 12.00
ZN ZN Q . -1.44 25.72 13.87
O OSM R . 10.34 13.55 -6.73
S OSM R . 10.27 12.12 -7.09
C OSM R . 8.98 11.27 -6.13
N OSM R . 7.72 10.99 -6.82
O OSM S . -14.83 6.93 -20.60
S OSM S . -13.46 7.47 -21.00
C OSM S . -13.35 9.23 -21.04
N OSM S . -11.91 9.56 -21.11
O OSM T . 12.84 -18.95 18.19
S OSM T . 14.05 -18.83 17.31
C OSM T . 14.98 -17.38 17.87
N OSM T . 14.32 -16.10 17.61
I IOD U . 1.41 3.98 -5.59
I IOD V . 21.80 0.34 7.50
I IOD W . 5.15 6.79 -7.37
I IOD X . -23.72 4.95 -12.46
I IOD Y . 18.64 7.34 -1.93
I IOD Z . 21.94 0.81 -0.68
I IOD AA . -9.78 21.12 15.65
I IOD BA . 7.39 13.81 -14.38
I IOD CA . -3.45 -22.17 -27.49
O1 PEO DA . 0.56 2.08 -3.80
O2 PEO DA . -0.90 2.36 -3.74
C1 NAG EA . 19.02 18.57 12.52
C2 NAG EA . 18.30 19.56 11.66
C3 NAG EA . 18.67 20.98 12.10
C4 NAG EA . 18.41 21.11 13.59
C5 NAG EA . 19.21 20.02 14.31
C6 NAG EA . 19.17 19.96 15.83
C7 NAG EA . 17.58 18.77 9.45
C8 NAG EA . 17.88 18.70 8.01
N2 NAG EA . 18.50 19.41 10.24
O3 NAG EA . 17.81 21.82 11.33
O4 NAG EA . 18.72 22.45 14.03
O5 NAG EA . 18.67 18.76 13.88
O6 NAG EA . 17.93 20.45 16.23
O7 NAG EA . 16.56 18.28 9.94
#